data_7POT
#
_entry.id   7POT
#
_cell.length_a   141.446
_cell.length_b   64.324
_cell.length_c   116.485
_cell.angle_alpha   90.000
_cell.angle_beta   102.200
_cell.angle_gamma   90.000
#
_symmetry.space_group_name_H-M   'C 1 2 1'
#
loop_
_entity.id
_entity.type
_entity.pdbx_description
1 polymer 'Phosphatidylinositol 4,5-bisphosphate 3-kinase catalytic subunit delta isoform'
2 non-polymer N-[5-(3,6-dihydro-2H-pyran-4-yl)-2-methoxy-pyridin-3-yl]benzenesulfonamide
3 water water
#
_entity_poly.entity_id   1
_entity_poly.type   'polypeptide(L)'
_entity_poly.pdbx_seq_one_letter_code
;GGDRVKKLINSQISLLIGKGLHEFDSLRDPEVNDFRTKMRQFCEEAAAHRQQLGWVEWLQYSFPLQLEPSARGWRAGLLR
VSNRALLVNVKFEGSEESFTFQVSTKDMPLALMACALRKKATVFRQPLVEQPEEYALQVNGRHEYLYGNYPLCHFQYICS
CLHSGLTPHLTMVHSSSILAMRDEQSNPAPQVQKPRAKPPPIPAKKPSSVSLWSLEQPFSIELIEGRKVNADERMKLVVQ
AGLFHGNEMLCKTVSSSEVNVCSEPVWKQRLEFDISVCDLPRMARLCFALYAVVEKAKKARSTKKKSKKADCPIAWANLM
LFDYKDQLKTGERCLYMWPSVPDEKGELLNPAGTVRGNPNTESAAALVIYLPEVAPHPVYFPALEKILELGRHGERGRIT
EEEQLQLREILERRGSGELYEHEKDLVWKMRHEVQEHFPEALARLLLVTKWNKHEDVAQMLYLLCSWPELPVLSALELLD
FSFPDCYVGSFAIKSLRKLTDDELFQYLLQLVQVLKYESYLDCELTKFLLGRALANRKIGHFLFWHLRSEMHVPSVALRF
GLIMEAYCRGSTHHMKVLMKQGEALSKLKALNDFVKVSSQKTTKPQTKEMMHMCMRQETYMEALSHLQSPLDPSTLLEEV
CVEQCTFMDSKMKPLWIMYSSEEAGSAGNVGIIFKNGDDLRQDMLTLQMIQLMDVLWKQEGLDLRMTPYGCLPTGDRTGL
IEVVLHSDTIANIQLNKSNMAATAAFNKDALLNWLKSKNPGEALDRAIEEFTLSCAGYCVATYVLGIGDRHSDNIMIRES
GQLFHIDFGHFLGNFKTKFGINRERVPFILTYDFVHVIQQGKTNNSEKFERFRGYCERAYTILRRHGLLFLHLFALMRAA
GLPELSCSKDIQYLKDSLALGKTEEEALKHFRVKFNEALRESWKTKVNWLAHNVSKDNRQ
;
_entity_poly.pdbx_strand_id   A
#
loop_
_chem_comp.id
_chem_comp.type
_chem_comp.name
_chem_comp.formula
7XW non-polymer N-[5-(3,6-dihydro-2H-pyran-4-yl)-2-methoxy-pyridin-3-yl]benzenesulfonamide 'C17 H18 N2 O4 S'
#
# COMPACT_ATOMS: atom_id res chain seq x y z
N ASP A 3 16.15 18.72 -29.68
CA ASP A 3 14.91 18.39 -30.38
C ASP A 3 13.65 18.81 -29.58
N ARG A 4 12.59 19.24 -30.29
CA ARG A 4 11.33 19.66 -29.67
C ARG A 4 10.54 18.52 -29.02
N VAL A 5 10.98 17.27 -29.20
CA VAL A 5 10.31 16.12 -28.61
C VAL A 5 10.72 15.95 -27.15
N LYS A 6 12.02 16.15 -26.85
CA LYS A 6 12.56 16.07 -25.49
C LYS A 6 12.02 17.22 -24.65
N LYS A 7 11.91 18.42 -25.23
CA LYS A 7 11.36 19.60 -24.55
C LYS A 7 9.89 19.38 -24.23
N LEU A 8 9.13 18.80 -25.19
CA LEU A 8 7.71 18.50 -24.99
C LEU A 8 7.58 17.50 -23.85
N ILE A 9 8.28 16.34 -23.95
CA ILE A 9 8.25 15.31 -22.91
C ILE A 9 8.59 15.88 -21.52
N ASN A 10 9.62 16.73 -21.43
CA ASN A 10 10.03 17.36 -20.18
C ASN A 10 8.92 18.22 -19.59
N SER A 11 8.24 19.02 -20.43
CA SER A 11 7.14 19.87 -19.94
C SER A 11 5.94 19.03 -19.49
N GLN A 12 5.70 17.89 -20.15
CA GLN A 12 4.63 16.96 -19.85
C GLN A 12 4.91 16.23 -18.53
N ILE A 13 6.19 15.84 -18.30
CA ILE A 13 6.60 15.18 -17.05
C ILE A 13 6.42 16.17 -15.91
N SER A 14 6.89 17.41 -16.10
CA SER A 14 6.75 18.47 -15.10
C SER A 14 5.28 18.71 -14.72
N LEU A 15 4.38 18.74 -15.73
CA LEU A 15 2.94 18.89 -15.57
C LEU A 15 2.35 17.71 -14.77
N LEU A 16 2.69 16.48 -15.14
CA LEU A 16 2.23 15.25 -14.51
C LEU A 16 2.66 15.07 -13.03
N ILE A 17 3.96 15.21 -12.73
CA ILE A 17 4.47 15.00 -11.38
C ILE A 17 4.21 16.18 -10.43
N GLY A 18 3.69 17.30 -10.92
CA GLY A 18 3.36 18.44 -10.08
C GLY A 18 4.55 19.20 -9.54
N LYS A 19 5.63 19.25 -10.33
CA LYS A 19 6.84 19.96 -10.00
C LYS A 19 7.64 20.11 -11.30
N GLY A 20 8.16 21.30 -11.57
CA GLY A 20 8.96 21.53 -12.77
C GLY A 20 10.31 20.85 -12.67
N LEU A 21 10.79 20.22 -13.77
CA LEU A 21 12.08 19.52 -13.73
C LEU A 21 13.29 20.46 -13.49
N HIS A 22 13.10 21.77 -13.76
CA HIS A 22 14.10 22.84 -13.58
C HIS A 22 14.49 23.01 -12.10
N GLU A 23 13.58 22.67 -11.18
CA GLU A 23 13.81 22.77 -9.75
C GLU A 23 14.81 21.71 -9.25
N PHE A 24 14.97 20.60 -9.98
CA PHE A 24 15.92 19.55 -9.63
C PHE A 24 17.34 20.02 -9.98
N ASP A 25 17.51 20.68 -11.16
CA ASP A 25 18.79 21.21 -11.63
C ASP A 25 19.23 22.41 -10.80
N SER A 26 18.26 23.24 -10.37
CA SER A 26 18.50 24.41 -9.54
C SER A 26 19.11 24.09 -8.17
N LEU A 27 18.97 22.85 -7.72
CA LEU A 27 19.52 22.40 -6.45
C LEU A 27 21.02 22.25 -6.47
N ARG A 28 21.64 22.09 -7.67
CA ARG A 28 23.08 21.88 -7.89
C ARG A 28 23.61 20.79 -6.94
N ASP A 29 22.83 19.72 -6.80
CA ASP A 29 23.10 18.61 -5.91
C ASP A 29 23.67 17.42 -6.69
N PRO A 30 24.91 16.97 -6.39
CA PRO A 30 25.47 15.84 -7.13
C PRO A 30 24.69 14.53 -6.94
N GLU A 31 24.14 14.28 -5.74
CA GLU A 31 23.38 13.08 -5.44
C GLU A 31 22.07 13.02 -6.23
N VAL A 32 21.43 14.19 -6.40
CA VAL A 32 20.20 14.30 -7.16
C VAL A 32 20.48 14.06 -8.66
N ASN A 33 21.48 14.76 -9.22
CA ASN A 33 21.82 14.65 -10.64
C ASN A 33 22.40 13.30 -11.04
N ASP A 34 23.14 12.65 -10.13
CA ASP A 34 23.70 11.31 -10.42
C ASP A 34 22.61 10.24 -10.38
N PHE A 35 21.50 10.47 -9.62
CA PHE A 35 20.34 9.60 -9.59
C PHE A 35 19.63 9.80 -10.93
N ARG A 36 19.40 11.04 -11.35
CA ARG A 36 18.69 11.33 -12.57
C ARG A 36 19.35 10.72 -13.82
N THR A 37 20.69 10.62 -13.84
CA THR A 37 21.37 10.03 -15.00
C THR A 37 21.31 8.49 -14.91
N LYS A 38 21.68 7.93 -13.74
CA LYS A 38 21.73 6.49 -13.49
C LYS A 38 20.36 5.82 -13.70
N MET A 39 19.30 6.47 -13.21
CA MET A 39 17.95 5.93 -13.32
C MET A 39 17.31 6.13 -14.66
N ARG A 40 17.77 7.14 -15.42
CA ARG A 40 17.28 7.39 -16.78
C ARG A 40 17.84 6.29 -17.68
N GLN A 41 19.12 5.94 -17.52
CA GLN A 41 19.79 4.89 -18.28
C GLN A 41 19.05 3.56 -18.05
N PHE A 42 18.90 3.16 -16.77
CA PHE A 42 18.16 1.97 -16.31
C PHE A 42 16.73 1.91 -16.86
N CYS A 43 15.99 3.02 -16.82
CA CYS A 43 14.60 3.03 -17.28
C CYS A 43 14.47 3.01 -18.80
N GLU A 44 15.41 3.60 -19.55
CA GLU A 44 15.39 3.50 -21.01
C GLU A 44 15.79 2.08 -21.45
N GLU A 45 16.63 1.36 -20.66
CA GLU A 45 16.98 -0.04 -21.00
C GLU A 45 15.67 -0.89 -20.99
N ALA A 46 14.89 -0.76 -19.92
CA ALA A 46 13.60 -1.42 -19.76
C ALA A 46 12.65 -1.06 -20.90
N ALA A 47 12.56 0.24 -21.28
CA ALA A 47 11.75 0.67 -22.41
C ALA A 47 12.08 -0.09 -23.71
N ALA A 48 13.39 -0.18 -24.08
CA ALA A 48 13.84 -0.89 -25.27
C ALA A 48 13.55 -2.38 -25.18
N HIS A 49 13.85 -3.03 -24.04
CA HIS A 49 13.54 -4.44 -23.82
C HIS A 49 12.05 -4.73 -24.10
N ARG A 50 11.20 -3.84 -23.64
CA ARG A 50 9.75 -3.94 -23.75
C ARG A 50 9.23 -3.77 -25.18
N GLN A 51 9.82 -2.84 -25.95
CA GLN A 51 9.39 -2.62 -27.33
C GLN A 51 9.75 -3.79 -28.28
N GLN A 52 10.54 -4.75 -27.81
CA GLN A 52 10.91 -5.92 -28.59
C GLN A 52 10.32 -7.23 -28.03
N LEU A 53 9.42 -7.15 -27.05
CA LEU A 53 8.80 -8.30 -26.42
C LEU A 53 7.92 -9.06 -27.40
N GLY A 54 7.79 -10.36 -27.18
CA GLY A 54 6.84 -11.16 -27.93
C GLY A 54 5.43 -10.70 -27.58
N TRP A 55 4.45 -11.06 -28.40
CA TRP A 55 3.10 -10.57 -28.21
C TRP A 55 2.43 -11.12 -26.93
N VAL A 56 2.73 -12.35 -26.52
CA VAL A 56 2.20 -12.91 -25.28
C VAL A 56 2.89 -12.25 -24.07
N GLU A 57 4.16 -11.90 -24.18
CA GLU A 57 4.89 -11.21 -23.14
C GLU A 57 4.48 -9.76 -23.03
N TRP A 58 4.02 -9.14 -24.15
CA TRP A 58 3.48 -7.79 -24.09
C TRP A 58 2.04 -7.79 -23.45
N LEU A 59 1.31 -8.91 -23.57
CA LEU A 59 0.04 -9.11 -22.90
C LEU A 59 0.32 -9.22 -21.39
N GLN A 60 1.38 -9.94 -20.97
CA GLN A 60 1.81 -10.07 -19.58
C GLN A 60 2.31 -8.75 -18.99
N TYR A 61 2.84 -7.86 -19.82
CA TYR A 61 3.27 -6.54 -19.37
C TYR A 61 2.01 -5.64 -19.15
N SER A 62 1.15 -5.51 -20.18
CA SER A 62 0.03 -4.60 -20.19
C SER A 62 -1.24 -5.07 -19.53
N PHE A 63 -1.57 -6.34 -19.73
CA PHE A 63 -2.79 -6.92 -19.24
C PHE A 63 -2.40 -8.11 -18.37
N PRO A 64 -1.72 -7.90 -17.21
CA PRO A 64 -1.36 -9.04 -16.37
C PRO A 64 -2.61 -9.83 -15.96
N LEU A 65 -2.49 -11.14 -15.91
CA LEU A 65 -3.62 -11.99 -15.57
C LEU A 65 -4.21 -11.71 -14.18
N GLN A 66 -5.56 -11.70 -14.12
CA GLN A 66 -6.29 -11.53 -12.88
C GLN A 66 -6.88 -12.88 -12.53
N LEU A 67 -6.19 -13.60 -11.66
CA LEU A 67 -6.61 -14.94 -11.25
C LEU A 67 -7.25 -14.97 -9.87
N GLU A 68 -8.01 -16.01 -9.62
CA GLU A 68 -8.63 -16.26 -8.34
C GLU A 68 -7.54 -16.72 -7.36
N PRO A 69 -7.47 -16.12 -6.16
CA PRO A 69 -6.40 -16.49 -5.20
C PRO A 69 -6.11 -17.99 -5.05
N SER A 70 -7.15 -18.83 -5.17
CA SER A 70 -7.06 -20.29 -5.10
C SER A 70 -6.20 -20.90 -6.22
N ALA A 71 -6.19 -20.29 -7.41
CA ALA A 71 -5.45 -20.75 -8.60
C ALA A 71 -3.94 -20.42 -8.59
N ARG A 72 -3.55 -19.30 -7.94
CA ARG A 72 -2.16 -18.79 -7.88
C ARG A 72 -1.10 -19.77 -7.33
N GLY A 73 0.12 -19.63 -7.83
CA GLY A 73 1.24 -20.48 -7.42
C GLY A 73 1.21 -21.87 -8.06
N ASN A 83 -17.34 -30.66 -15.85
CA ASN A 83 -17.64 -30.30 -14.47
C ASN A 83 -18.91 -29.43 -14.39
N ARG A 84 -18.87 -28.15 -14.84
CA ARG A 84 -20.07 -27.29 -14.80
C ARG A 84 -20.28 -26.54 -16.11
N ALA A 85 -21.55 -26.41 -16.53
CA ALA A 85 -21.97 -25.71 -17.76
C ALA A 85 -21.79 -24.19 -17.66
N LEU A 86 -21.20 -23.58 -18.69
CA LEU A 86 -20.93 -22.15 -18.72
C LEU A 86 -21.28 -21.54 -20.08
N LEU A 87 -22.18 -20.56 -20.12
CA LEU A 87 -22.54 -19.90 -21.37
C LEU A 87 -21.59 -18.74 -21.64
N VAL A 88 -20.94 -18.72 -22.82
CA VAL A 88 -20.00 -17.66 -23.20
C VAL A 88 -20.40 -16.99 -24.55
N ASN A 89 -20.21 -15.66 -24.68
CA ASN A 89 -20.47 -14.95 -25.94
C ASN A 89 -19.12 -14.46 -26.47
N VAL A 90 -18.72 -14.88 -27.68
CA VAL A 90 -17.46 -14.45 -28.28
C VAL A 90 -17.69 -13.73 -29.60
N LYS A 91 -17.17 -12.53 -29.71
CA LYS A 91 -17.21 -11.71 -30.92
C LYS A 91 -15.75 -11.58 -31.44
N PHE A 92 -15.54 -11.21 -32.70
CA PHE A 92 -14.19 -11.01 -33.26
C PHE A 92 -13.95 -9.52 -33.42
N GLU A 93 -12.71 -9.07 -33.23
CA GLU A 93 -12.37 -7.64 -33.37
C GLU A 93 -12.75 -7.09 -34.74
N GLY A 94 -13.57 -6.06 -34.75
CA GLY A 94 -14.05 -5.48 -36.00
C GLY A 94 -15.47 -5.89 -36.32
N SER A 95 -15.83 -7.14 -35.96
CA SER A 95 -17.16 -7.68 -36.22
C SER A 95 -18.19 -7.21 -35.23
N GLU A 96 -19.44 -7.17 -35.68
CA GLU A 96 -20.57 -6.83 -34.80
C GLU A 96 -21.40 -8.10 -34.45
N GLU A 97 -21.27 -9.19 -35.24
CA GLU A 97 -21.94 -10.45 -34.95
C GLU A 97 -21.12 -11.22 -33.88
N SER A 98 -21.82 -11.92 -32.99
CA SER A 98 -21.19 -12.69 -31.94
C SER A 98 -21.70 -14.15 -31.88
N PHE A 99 -21.00 -15.01 -31.13
CA PHE A 99 -21.36 -16.40 -31.01
C PHE A 99 -21.58 -16.79 -29.56
N THR A 100 -22.78 -17.30 -29.25
CA THR A 100 -23.06 -17.79 -27.91
C THR A 100 -22.94 -19.31 -27.88
N PHE A 101 -22.10 -19.83 -26.98
CA PHE A 101 -21.89 -21.28 -26.85
C PHE A 101 -21.70 -21.71 -25.41
N GLN A 102 -22.09 -22.94 -25.10
CA GLN A 102 -21.98 -23.46 -23.76
C GLN A 102 -20.78 -24.36 -23.67
N VAL A 103 -19.76 -23.91 -22.91
CA VAL A 103 -18.49 -24.60 -22.62
C VAL A 103 -18.42 -24.99 -21.09
N SER A 104 -17.28 -25.53 -20.62
CA SER A 104 -17.14 -25.86 -19.20
C SER A 104 -16.21 -24.89 -18.49
N THR A 105 -16.50 -24.67 -17.20
CA THR A 105 -15.68 -23.90 -16.29
C THR A 105 -14.24 -24.48 -16.18
N LYS A 106 -14.06 -25.80 -16.48
CA LYS A 106 -12.75 -26.44 -16.44
C LYS A 106 -12.02 -26.46 -17.80
N ASP A 107 -12.62 -25.88 -18.85
CA ASP A 107 -11.99 -25.81 -20.16
C ASP A 107 -11.02 -24.62 -20.18
N MET A 108 -9.99 -24.70 -20.98
CA MET A 108 -8.98 -23.63 -21.05
C MET A 108 -9.26 -22.60 -22.15
N PRO A 109 -8.74 -21.35 -22.05
CA PRO A 109 -9.01 -20.36 -23.10
C PRO A 109 -8.80 -20.86 -24.53
N LEU A 110 -7.72 -21.62 -24.79
CA LEU A 110 -7.37 -22.16 -26.12
C LEU A 110 -8.49 -23.00 -26.76
N ALA A 111 -9.21 -23.77 -25.95
CA ALA A 111 -10.33 -24.60 -26.36
C ALA A 111 -11.51 -23.75 -26.78
N LEU A 112 -11.74 -22.66 -26.07
CA LEU A 112 -12.78 -21.68 -26.31
C LEU A 112 -12.45 -20.92 -27.60
N MET A 113 -11.16 -20.59 -27.85
CA MET A 113 -10.74 -19.95 -29.07
C MET A 113 -10.90 -20.89 -30.27
N ALA A 114 -10.54 -22.19 -30.10
CA ALA A 114 -10.69 -23.18 -31.17
C ALA A 114 -12.16 -23.38 -31.54
N CYS A 115 -13.04 -23.30 -30.56
CA CYS A 115 -14.47 -23.43 -30.73
C CYS A 115 -15.05 -22.15 -31.39
N ALA A 116 -14.46 -20.98 -31.13
CA ALA A 116 -14.92 -19.73 -31.75
C ALA A 116 -14.44 -19.64 -33.20
N LEU A 117 -13.26 -20.20 -33.50
CA LEU A 117 -12.74 -20.24 -34.86
C LEU A 117 -13.51 -21.26 -35.72
N ARG A 118 -14.03 -22.34 -35.11
CA ARG A 118 -14.83 -23.36 -35.79
C ARG A 118 -16.19 -22.79 -36.17
N LYS A 119 -16.79 -22.01 -35.26
CA LYS A 119 -18.07 -21.39 -35.52
C LYS A 119 -17.93 -20.31 -36.60
N LYS A 120 -16.79 -19.58 -36.62
CA LYS A 120 -16.55 -18.55 -37.61
C LYS A 120 -16.26 -19.15 -38.97
N ALA A 121 -15.53 -20.27 -39.01
CA ALA A 121 -15.20 -20.95 -40.28
C ALA A 121 -16.43 -21.61 -40.90
N THR A 122 -17.40 -22.05 -40.07
CA THR A 122 -18.65 -22.63 -40.58
C THR A 122 -19.59 -21.52 -41.04
N VAL A 123 -19.68 -20.43 -40.26
CA VAL A 123 -20.54 -19.30 -40.60
C VAL A 123 -20.02 -18.60 -41.87
N PHE A 124 -18.70 -18.45 -42.02
CA PHE A 124 -18.13 -17.80 -43.19
C PHE A 124 -17.77 -18.75 -44.32
N ARG A 125 -18.33 -19.97 -44.32
CA ARG A 125 -18.16 -21.01 -45.36
C ARG A 125 -16.74 -21.15 -45.93
N GLN A 126 -15.71 -20.94 -45.11
CA GLN A 126 -14.33 -21.03 -45.58
C GLN A 126 -13.50 -21.86 -44.62
N PRO A 127 -12.60 -22.72 -45.13
CA PRO A 127 -11.71 -23.47 -44.22
C PRO A 127 -10.71 -22.47 -43.66
N LEU A 128 -10.71 -22.27 -42.33
CA LEU A 128 -9.88 -21.26 -41.70
C LEU A 128 -8.41 -21.66 -41.49
N VAL A 129 -7.48 -20.72 -41.76
CA VAL A 129 -6.03 -20.91 -41.62
C VAL A 129 -5.56 -20.52 -40.20
N GLU A 130 -6.20 -19.52 -39.58
CA GLU A 130 -5.85 -19.05 -38.24
C GLU A 130 -6.05 -20.14 -37.20
N GLN A 131 -5.18 -20.13 -36.20
CA GLN A 131 -5.21 -21.14 -35.15
C GLN A 131 -5.41 -20.52 -33.77
N PRO A 132 -6.00 -21.27 -32.82
CA PRO A 132 -6.23 -20.72 -31.49
C PRO A 132 -4.97 -20.27 -30.75
N GLU A 133 -3.79 -20.69 -31.21
CA GLU A 133 -2.51 -20.27 -30.64
C GLU A 133 -2.15 -18.81 -31.03
N GLU A 134 -2.78 -18.27 -32.09
CA GLU A 134 -2.58 -16.92 -32.58
C GLU A 134 -3.48 -15.87 -31.93
N TYR A 135 -4.42 -16.28 -31.06
CA TYR A 135 -5.39 -15.38 -30.45
C TYR A 135 -5.30 -15.25 -28.93
N ALA A 136 -5.84 -14.15 -28.42
CA ALA A 136 -6.04 -13.88 -27.00
C ALA A 136 -7.48 -13.35 -26.85
N LEU A 137 -8.11 -13.63 -25.70
CA LEU A 137 -9.48 -13.21 -25.46
C LEU A 137 -9.56 -11.94 -24.60
N GLN A 138 -10.14 -10.86 -25.14
CA GLN A 138 -10.30 -9.64 -24.37
C GLN A 138 -11.65 -9.60 -23.69
N VAL A 139 -11.70 -9.14 -22.42
CA VAL A 139 -12.98 -8.88 -21.76
C VAL A 139 -13.53 -7.59 -22.46
N ASN A 140 -14.71 -7.66 -23.03
CA ASN A 140 -15.30 -6.57 -23.81
C ASN A 140 -15.28 -5.22 -23.13
N GLY A 141 -14.72 -4.23 -23.84
CA GLY A 141 -14.57 -2.86 -23.39
C GLY A 141 -13.79 -2.75 -22.09
N ARG A 142 -12.78 -3.60 -21.94
CA ARG A 142 -11.96 -3.62 -20.73
C ARG A 142 -10.50 -3.83 -21.09
N HIS A 143 -9.56 -3.36 -20.26
CA HIS A 143 -8.13 -3.63 -20.49
C HIS A 143 -7.80 -4.91 -19.74
N GLU A 144 -8.60 -5.95 -20.00
CA GLU A 144 -8.46 -7.23 -19.35
C GLU A 144 -8.47 -8.33 -20.42
N TYR A 145 -7.61 -9.35 -20.21
CA TYR A 145 -7.48 -10.44 -21.16
C TYR A 145 -7.43 -11.77 -20.47
N LEU A 146 -7.93 -12.78 -21.11
CA LEU A 146 -7.89 -14.15 -20.62
C LEU A 146 -6.97 -14.89 -21.57
N TYR A 147 -5.91 -15.46 -21.02
CA TYR A 147 -4.91 -16.22 -21.76
C TYR A 147 -4.15 -17.15 -20.78
N GLY A 148 -3.38 -18.09 -21.34
CA GLY A 148 -2.61 -19.02 -20.53
C GLY A 148 -3.33 -20.32 -20.29
N ASN A 149 -2.59 -21.32 -19.77
CA ASN A 149 -3.18 -22.62 -19.51
C ASN A 149 -3.76 -22.71 -18.11
N TYR A 150 -4.94 -22.10 -17.95
CA TYR A 150 -5.71 -22.06 -16.72
C TYR A 150 -7.14 -22.34 -17.13
N PRO A 151 -7.90 -23.13 -16.35
CA PRO A 151 -9.33 -23.30 -16.67
C PRO A 151 -10.07 -21.97 -16.53
N LEU A 152 -11.22 -21.84 -17.18
CA LEU A 152 -11.97 -20.60 -17.20
C LEU A 152 -12.37 -20.08 -15.82
N CYS A 153 -12.90 -20.94 -14.93
CA CYS A 153 -13.29 -20.60 -13.57
C CYS A 153 -12.15 -19.94 -12.75
N HIS A 154 -10.88 -20.21 -13.12
CA HIS A 154 -9.71 -19.64 -12.44
C HIS A 154 -9.48 -18.16 -12.66
N PHE A 155 -10.12 -17.57 -13.67
CA PHE A 155 -9.98 -16.15 -13.95
C PHE A 155 -10.97 -15.36 -13.12
N GLN A 156 -10.56 -14.20 -12.59
CA GLN A 156 -11.39 -13.32 -11.78
C GLN A 156 -12.66 -12.88 -12.50
N TYR A 157 -12.57 -12.71 -13.83
CA TYR A 157 -13.70 -12.32 -14.65
C TYR A 157 -14.76 -13.45 -14.80
N ILE A 158 -14.35 -14.66 -15.14
CA ILE A 158 -15.28 -15.77 -15.32
C ILE A 158 -15.89 -16.15 -13.99
N CYS A 159 -15.07 -16.21 -12.93
CA CYS A 159 -15.56 -16.52 -11.59
C CYS A 159 -16.59 -15.47 -11.13
N SER A 160 -16.37 -14.22 -11.46
CA SER A 160 -17.26 -13.13 -11.13
C SER A 160 -18.61 -13.33 -11.84
N CYS A 161 -18.56 -13.73 -13.12
CA CYS A 161 -19.75 -13.95 -13.91
C CYS A 161 -20.59 -15.06 -13.32
N LEU A 162 -19.96 -16.17 -12.90
CA LEU A 162 -20.63 -17.30 -12.27
C LEU A 162 -21.42 -16.90 -11.01
N HIS A 163 -20.81 -16.12 -10.11
CA HIS A 163 -21.46 -15.69 -8.89
C HIS A 163 -22.70 -14.84 -9.18
N SER A 164 -22.59 -13.88 -10.11
CA SER A 164 -23.69 -12.98 -10.43
C SER A 164 -24.67 -13.47 -11.51
N GLY A 165 -24.48 -14.68 -12.02
CA GLY A 165 -25.34 -15.23 -13.06
C GLY A 165 -25.16 -14.65 -14.46
N LEU A 166 -24.39 -13.56 -14.61
CA LEU A 166 -24.14 -12.90 -15.91
C LEU A 166 -23.33 -13.77 -16.91
N THR A 167 -23.38 -13.40 -18.22
CA THR A 167 -22.65 -14.15 -19.26
C THR A 167 -21.38 -13.42 -19.73
N PRO A 168 -20.24 -14.12 -19.68
CA PRO A 168 -18.99 -13.52 -20.16
C PRO A 168 -19.03 -13.13 -21.63
N HIS A 169 -18.63 -11.90 -21.94
CA HIS A 169 -18.57 -11.41 -23.31
C HIS A 169 -17.08 -11.20 -23.65
N LEU A 170 -16.54 -12.02 -24.57
CA LEU A 170 -15.12 -11.98 -24.97
C LEU A 170 -14.91 -11.62 -26.41
N THR A 171 -13.78 -10.99 -26.72
CA THR A 171 -13.43 -10.63 -28.08
C THR A 171 -12.16 -11.39 -28.46
N MET A 172 -12.12 -11.99 -29.65
CA MET A 172 -10.93 -12.68 -30.13
C MET A 172 -10.05 -11.62 -30.75
N VAL A 173 -8.92 -11.32 -30.11
CA VAL A 173 -7.93 -10.37 -30.61
C VAL A 173 -6.78 -11.17 -31.19
N HIS A 174 -6.36 -10.81 -32.41
CA HIS A 174 -5.28 -11.52 -33.07
C HIS A 174 -3.92 -11.00 -32.63
N SER A 175 -2.89 -11.84 -32.76
CA SER A 175 -1.52 -11.51 -32.42
C SER A 175 -1.02 -10.26 -33.12
N SER A 176 -1.51 -10.01 -34.35
CA SER A 176 -1.13 -8.85 -35.14
C SER A 176 -1.71 -7.56 -34.57
N SER A 177 -2.91 -7.61 -33.98
CA SER A 177 -3.52 -6.44 -33.37
C SER A 177 -2.86 -6.13 -32.02
N ILE A 178 -2.37 -7.16 -31.31
CA ILE A 178 -1.66 -7.05 -30.05
C ILE A 178 -0.31 -6.39 -30.29
N LEU A 179 0.38 -6.77 -31.37
CA LEU A 179 1.68 -6.18 -31.74
C LEU A 179 1.53 -4.75 -32.21
N ALA A 180 0.40 -4.44 -32.88
CA ALA A 180 0.09 -3.09 -33.29
C ALA A 180 -0.06 -2.18 -32.06
N MET A 181 -0.56 -2.72 -30.91
CA MET A 181 -0.67 -1.94 -29.65
C MET A 181 0.71 -1.60 -29.16
N ARG A 182 1.57 -2.63 -29.08
CA ARG A 182 2.98 -2.52 -28.69
C ARG A 182 3.71 -1.51 -29.54
N ASP A 183 3.44 -1.50 -30.84
CA ASP A 183 4.14 -0.59 -31.73
C ASP A 183 3.63 0.83 -31.63
N GLU A 184 2.33 1.03 -31.41
CA GLU A 184 1.72 2.35 -31.20
C GLU A 184 2.21 2.99 -29.88
N GLN A 185 2.50 2.15 -28.88
CA GLN A 185 2.88 2.60 -27.56
C GLN A 185 4.36 2.76 -27.35
N SER A 186 5.10 2.98 -28.42
CA SER A 186 6.54 3.14 -28.39
C SER A 186 7.07 4.46 -27.82
N ASN A 187 8.23 4.40 -27.14
CA ASN A 187 8.95 5.59 -26.69
C ASN A 187 9.61 6.12 -27.96
N PRO A 188 9.66 7.45 -28.17
CA PRO A 188 10.29 7.96 -29.39
C PRO A 188 11.80 7.74 -29.46
N ALA A 189 12.40 7.88 -30.66
CA ALA A 189 13.84 7.69 -30.85
C ALA A 189 14.49 8.98 -31.34
N SER A 211 42.05 4.90 5.92
CA SER A 211 41.27 3.90 6.64
C SER A 211 40.52 4.53 7.79
N LEU A 212 39.26 4.11 8.00
CA LEU A 212 38.44 4.62 9.09
C LEU A 212 38.71 3.85 10.39
N TRP A 213 39.02 2.55 10.29
CA TRP A 213 39.24 1.65 11.44
C TRP A 213 40.49 1.91 12.25
N SER A 214 41.39 2.77 11.78
CA SER A 214 42.59 3.13 12.55
C SER A 214 42.49 4.55 13.11
N LEU A 215 41.26 5.04 13.37
CA LEU A 215 41.03 6.36 13.91
C LEU A 215 40.25 6.20 15.23
N GLU A 216 40.96 5.98 16.37
CA GLU A 216 40.27 5.79 17.66
C GLU A 216 39.78 7.09 18.30
N GLN A 217 39.85 8.23 17.61
CA GLN A 217 39.41 9.50 18.16
C GLN A 217 37.91 9.49 18.44
N PRO A 218 37.49 10.02 19.61
CA PRO A 218 36.05 10.04 19.90
C PRO A 218 35.33 10.97 18.94
N PHE A 219 34.09 10.60 18.57
CA PHE A 219 33.29 11.38 17.67
C PHE A 219 32.85 12.66 18.36
N SER A 220 32.97 13.78 17.65
CA SER A 220 32.58 15.09 18.14
C SER A 220 32.28 16.00 16.95
N ILE A 221 31.50 17.07 17.17
CA ILE A 221 31.16 18.04 16.15
C ILE A 221 31.17 19.45 16.77
N GLU A 222 31.20 20.51 15.94
CA GLU A 222 31.13 21.87 16.45
C GLU A 222 29.73 22.43 16.23
N LEU A 223 29.06 22.85 17.30
CA LEU A 223 27.74 23.47 17.21
C LEU A 223 28.00 24.96 17.02
N ILE A 224 28.06 25.44 15.76
CA ILE A 224 28.37 26.85 15.46
C ILE A 224 27.24 27.84 15.87
N GLU A 225 26.10 27.90 15.16
CA GLU A 225 25.02 28.84 15.50
C GLU A 225 23.62 28.32 15.06
N GLY A 226 22.59 29.16 15.22
CA GLY A 226 21.22 28.87 14.86
C GLY A 226 20.57 30.12 14.30
N ARG A 227 19.79 29.99 13.22
CA ARG A 227 19.17 31.17 12.60
C ARG A 227 17.64 31.04 12.47
N LYS A 228 16.91 32.15 12.35
CA LYS A 228 15.45 32.20 12.23
C LYS A 228 14.69 31.40 13.33
N VAL A 229 15.21 31.41 14.58
CA VAL A 229 14.60 30.68 15.69
C VAL A 229 13.48 31.48 16.40
N ASN A 230 12.29 30.88 16.47
CA ASN A 230 11.15 31.53 17.11
C ASN A 230 10.78 30.81 18.40
N ALA A 231 10.88 31.51 19.54
CA ALA A 231 10.58 30.96 20.87
C ALA A 231 10.26 32.09 21.91
N ASP A 232 9.67 31.70 23.07
CA ASP A 232 9.32 32.58 24.19
C ASP A 232 10.63 33.09 24.80
N GLU A 233 10.81 34.43 24.84
CA GLU A 233 12.05 35.05 25.34
C GLU A 233 12.30 34.90 26.85
N ARG A 234 11.30 34.45 27.62
CA ARG A 234 11.44 34.20 29.06
C ARG A 234 12.33 32.99 29.36
N MET A 235 12.35 32.01 28.43
CA MET A 235 13.04 30.73 28.53
C MET A 235 14.49 30.71 27.95
N LYS A 236 15.15 29.54 27.94
CA LYS A 236 16.50 29.37 27.37
C LYS A 236 16.52 28.26 26.29
N LEU A 237 17.42 28.36 25.31
CA LEU A 237 17.55 27.40 24.20
C LEU A 237 18.62 26.32 24.44
N VAL A 238 18.27 25.06 24.13
CA VAL A 238 19.15 23.90 24.25
C VAL A 238 19.12 23.09 22.95
N VAL A 239 20.24 22.47 22.60
CA VAL A 239 20.36 21.64 21.42
C VAL A 239 20.77 20.25 21.89
N GLN A 240 19.89 19.27 21.76
CA GLN A 240 20.18 17.90 22.15
C GLN A 240 20.60 17.11 20.90
N ALA A 241 21.62 16.28 21.00
CA ALA A 241 22.10 15.52 19.86
C ALA A 241 22.41 14.07 20.21
N GLY A 242 21.98 13.16 19.36
CA GLY A 242 22.17 11.74 19.57
C GLY A 242 22.71 11.04 18.34
N LEU A 243 23.41 9.92 18.52
CA LEU A 243 23.96 9.17 17.39
C LEU A 243 23.16 7.92 17.23
N PHE A 244 22.51 7.75 16.06
CA PHE A 244 21.64 6.60 15.85
C PHE A 244 22.01 5.70 14.69
N HIS A 245 21.67 4.43 14.80
CA HIS A 245 21.77 3.43 13.74
C HIS A 245 20.35 2.85 13.73
N GLY A 246 19.49 3.49 12.98
CA GLY A 246 18.08 3.14 12.96
C GLY A 246 17.46 3.63 14.25
N ASN A 247 17.08 2.71 15.12
CA ASN A 247 16.45 3.03 16.39
C ASN A 247 17.39 3.02 17.59
N GLU A 248 18.36 2.07 17.64
CA GLU A 248 19.27 2.01 18.78
C GLU A 248 20.25 3.19 18.86
N MET A 249 20.43 3.74 20.07
CA MET A 249 21.39 4.82 20.28
C MET A 249 22.78 4.18 20.19
N LEU A 250 23.68 4.76 19.40
CA LEU A 250 25.05 4.27 19.25
C LEU A 250 25.92 4.55 20.50
N CYS A 251 25.51 5.56 21.29
CA CYS A 251 26.07 6.07 22.53
C CYS A 251 25.01 6.98 23.20
N LYS A 252 25.27 7.43 24.43
CA LYS A 252 24.33 8.28 25.15
C LYS A 252 24.12 9.64 24.45
N THR A 253 22.91 10.20 24.58
CA THR A 253 22.65 11.49 23.96
C THR A 253 23.37 12.58 24.75
N VAL A 254 23.86 13.59 24.03
CA VAL A 254 24.54 14.72 24.66
C VAL A 254 23.70 15.98 24.46
N SER A 255 23.93 16.99 25.31
CA SER A 255 23.18 18.24 25.21
C SER A 255 24.10 19.45 25.22
N SER A 256 23.62 20.57 24.68
CA SER A 256 24.38 21.80 24.68
C SER A 256 24.08 22.60 25.98
N SER A 257 24.83 23.69 26.21
CA SER A 257 24.57 24.54 27.38
C SER A 257 23.34 25.41 27.08
N GLU A 258 22.59 25.78 28.12
CA GLU A 258 21.40 26.61 27.96
C GLU A 258 21.86 28.02 27.64
N VAL A 259 21.40 28.57 26.51
CA VAL A 259 21.73 29.91 26.02
C VAL A 259 20.43 30.77 25.99
N ASN A 260 20.51 32.11 26.09
CA ASN A 260 19.29 32.95 26.08
C ASN A 260 18.54 32.92 24.74
N VAL A 261 17.21 32.62 24.78
CA VAL A 261 16.31 32.55 23.61
C VAL A 261 16.38 33.82 22.74
N CYS A 262 16.56 33.62 21.42
CA CYS A 262 16.62 34.67 20.41
C CYS A 262 16.62 34.09 18.99
N SER A 263 16.37 34.92 17.96
CA SER A 263 16.37 34.48 16.57
C SER A 263 17.72 33.94 16.13
N GLU A 264 18.81 34.48 16.69
CA GLU A 264 20.15 34.01 16.37
C GLU A 264 20.92 33.53 17.60
N PRO A 265 20.63 32.32 18.11
CA PRO A 265 21.40 31.81 19.26
C PRO A 265 22.80 31.37 18.84
N VAL A 266 23.77 31.56 19.73
CA VAL A 266 25.15 31.20 19.44
C VAL A 266 25.71 30.32 20.56
N TRP A 267 26.16 29.11 20.22
CA TRP A 267 26.76 28.21 21.21
C TRP A 267 28.28 28.23 21.04
N LYS A 268 28.76 28.01 19.78
CA LYS A 268 30.18 27.97 19.41
C LYS A 268 30.98 26.91 20.17
N GLN A 269 30.30 25.84 20.65
CA GLN A 269 30.93 24.80 21.46
C GLN A 269 31.14 23.44 20.74
N ARG A 270 31.82 22.47 21.40
CA ARG A 270 32.13 21.14 20.89
C ARG A 270 31.51 20.04 21.76
N LEU A 271 30.41 19.43 21.30
CA LEU A 271 29.78 18.34 22.04
C LEU A 271 30.55 17.05 21.75
N GLU A 272 30.92 16.27 22.79
CA GLU A 272 31.66 15.02 22.56
C GLU A 272 30.84 13.77 22.90
N PHE A 273 30.72 12.86 21.93
CA PHE A 273 29.98 11.61 22.07
C PHE A 273 30.91 10.49 22.50
N ASP A 274 30.43 9.59 23.37
CA ASP A 274 31.20 8.45 23.87
C ASP A 274 31.20 7.30 22.85
N ILE A 275 31.87 7.51 21.69
CA ILE A 275 31.98 6.52 20.62
C ILE A 275 33.20 6.82 19.74
N SER A 276 33.93 5.80 19.30
CA SER A 276 35.08 5.99 18.43
C SER A 276 34.65 6.35 17.01
N VAL A 277 35.51 7.02 16.26
CA VAL A 277 35.22 7.34 14.86
C VAL A 277 35.31 6.03 14.02
N CYS A 278 36.24 5.13 14.36
CA CYS A 278 36.36 3.84 13.67
C CYS A 278 35.11 2.96 13.86
N ASP A 279 34.40 3.14 14.99
CA ASP A 279 33.21 2.37 15.32
C ASP A 279 31.90 2.97 14.79
N LEU A 280 31.98 3.98 13.90
CA LEU A 280 30.81 4.57 13.30
C LEU A 280 30.33 3.59 12.23
N PRO A 281 29.08 3.10 12.35
CA PRO A 281 28.58 2.22 11.30
C PRO A 281 28.23 3.04 10.05
N ARG A 282 28.19 2.39 8.90
CA ARG A 282 27.95 3.07 7.64
C ARG A 282 26.65 3.86 7.62
N MET A 283 25.62 3.34 8.30
CA MET A 283 24.33 3.97 8.33
C MET A 283 24.09 4.85 9.55
N ALA A 284 25.16 5.41 10.13
CA ALA A 284 25.01 6.26 11.30
C ALA A 284 24.43 7.60 10.94
N ARG A 285 23.50 8.07 11.75
CA ARG A 285 22.87 9.36 11.55
C ARG A 285 22.97 10.22 12.81
N LEU A 286 23.42 11.46 12.66
CA LEU A 286 23.51 12.38 13.77
C LEU A 286 22.16 13.08 13.83
N CYS A 287 21.43 12.90 14.94
CA CYS A 287 20.09 13.48 15.09
C CYS A 287 20.03 14.67 16.05
N PHE A 288 19.53 15.81 15.58
CA PHE A 288 19.45 17.02 16.39
C PHE A 288 18.04 17.45 16.82
N ALA A 289 17.96 18.11 17.97
CA ALA A 289 16.69 18.64 18.47
C ALA A 289 16.90 19.98 19.17
N LEU A 290 16.26 21.02 18.66
CA LEU A 290 16.34 22.35 19.25
C LEU A 290 15.09 22.58 20.10
N TYR A 291 15.25 23.00 21.36
CA TYR A 291 14.10 23.24 22.22
C TYR A 291 14.33 24.30 23.30
N ALA A 292 13.25 24.75 23.95
CA ALA A 292 13.28 25.75 25.01
C ALA A 292 12.99 25.12 26.37
N VAL A 293 13.71 25.58 27.42
CA VAL A 293 13.57 25.11 28.80
C VAL A 293 13.29 26.31 29.76
N VAL A 294 13.05 26.05 31.07
CA VAL A 294 12.80 27.14 32.01
C VAL A 294 14.08 27.44 32.82
N ASP A 311 10.92 21.32 29.03
CA ASP A 311 10.37 20.73 27.81
C ASP A 311 9.55 21.76 27.02
N CYS A 312 9.90 21.99 25.73
CA CYS A 312 9.25 22.91 24.80
C CYS A 312 9.94 22.75 23.43
N PRO A 313 9.64 21.68 22.65
CA PRO A 313 10.37 21.48 21.38
C PRO A 313 10.06 22.49 20.29
N ILE A 314 11.12 22.99 19.64
CA ILE A 314 10.97 23.97 18.57
C ILE A 314 11.20 23.33 17.21
N ALA A 315 12.33 22.63 17.07
CA ALA A 315 12.70 22.02 15.80
C ALA A 315 13.54 20.71 15.95
N TRP A 316 13.67 19.96 14.83
CA TRP A 316 14.46 18.73 14.72
C TRP A 316 15.14 18.70 13.33
N ALA A 317 16.27 17.99 13.18
CA ALA A 317 16.96 17.86 11.90
C ALA A 317 17.97 16.74 11.98
N ASN A 318 18.06 15.86 10.97
CA ASN A 318 19.05 14.78 10.97
C ASN A 318 19.93 14.82 9.73
N LEU A 319 21.04 14.09 9.77
CA LEU A 319 21.96 13.97 8.67
C LEU A 319 22.74 12.66 8.79
N MET A 320 23.19 12.13 7.66
CA MET A 320 24.04 10.94 7.67
C MET A 320 25.51 11.38 7.90
N LEU A 321 26.27 10.63 8.70
CA LEU A 321 27.69 10.92 8.93
C LEU A 321 28.54 10.61 7.69
N PHE A 322 28.09 9.69 6.85
CA PHE A 322 28.76 9.36 5.58
C PHE A 322 27.85 9.82 4.44
N ASP A 323 28.42 10.35 3.37
CA ASP A 323 27.63 10.80 2.24
C ASP A 323 27.20 9.62 1.32
N TYR A 324 26.51 9.89 0.19
CA TYR A 324 26.09 8.84 -0.72
C TYR A 324 27.25 8.08 -1.40
N LYS A 325 28.42 8.72 -1.54
CA LYS A 325 29.60 8.08 -2.12
C LYS A 325 30.53 7.41 -1.09
N ASP A 326 30.05 7.24 0.16
CA ASP A 326 30.72 6.58 1.29
C ASP A 326 31.77 7.44 2.01
N GLN A 327 31.97 8.69 1.56
CA GLN A 327 32.97 9.54 2.19
C GLN A 327 32.43 10.09 3.49
N LEU A 328 33.25 10.06 4.57
CA LEU A 328 32.88 10.62 5.87
C LEU A 328 32.73 12.14 5.69
N LYS A 329 31.70 12.71 6.28
CA LYS A 329 31.41 14.12 6.08
C LYS A 329 32.25 15.05 6.95
N THR A 330 32.90 16.05 6.32
CA THR A 330 33.70 17.09 6.96
C THR A 330 33.33 18.44 6.33
N GLY A 331 33.43 19.52 7.10
CA GLY A 331 33.12 20.86 6.60
C GLY A 331 32.01 21.54 7.37
N GLU A 332 31.50 22.65 6.83
CA GLU A 332 30.41 23.38 7.45
C GLU A 332 29.04 22.93 6.89
N ARG A 333 28.14 22.49 7.77
CA ARG A 333 26.81 22.06 7.35
C ARG A 333 25.71 22.94 7.92
N CYS A 334 24.77 23.38 7.07
CA CYS A 334 23.63 24.14 7.56
C CYS A 334 22.40 23.22 7.52
N LEU A 335 21.76 23.05 8.66
CA LEU A 335 20.60 22.18 8.76
C LEU A 335 19.34 23.02 8.83
N TYR A 336 18.56 23.03 7.74
CA TYR A 336 17.28 23.70 7.74
C TYR A 336 16.34 22.72 8.44
N MET A 337 16.02 23.05 9.68
CA MET A 337 15.25 22.25 10.61
C MET A 337 13.77 22.18 10.33
N TRP A 338 13.15 21.07 10.79
CA TRP A 338 11.73 20.81 10.65
C TRP A 338 10.99 21.13 11.94
N PRO A 339 9.76 21.66 11.83
CA PRO A 339 8.95 21.94 13.04
C PRO A 339 8.74 20.73 13.94
N SER A 340 8.43 20.95 15.24
CA SER A 340 8.27 19.82 16.14
C SER A 340 6.87 19.70 16.77
N VAL A 341 6.56 18.48 17.30
CA VAL A 341 5.27 18.14 17.89
C VAL A 341 5.41 17.76 19.36
N LEU A 348 12.39 13.56 22.46
CA LEU A 348 12.49 14.79 21.68
C LEU A 348 13.22 14.56 20.37
N LEU A 349 14.24 13.68 20.37
CA LEU A 349 14.99 13.36 19.14
C LEU A 349 14.15 12.52 18.21
N ASN A 350 14.25 12.79 16.90
CA ASN A 350 13.45 12.08 15.89
C ASN A 350 14.35 11.24 14.95
N PRO A 351 14.86 10.05 15.37
CA PRO A 351 15.75 9.29 14.47
C PRO A 351 15.10 8.80 13.17
N ALA A 352 13.81 8.40 13.20
CA ALA A 352 13.13 7.92 11.99
C ALA A 352 12.90 9.02 10.93
N GLY A 353 12.89 10.29 11.35
CA GLY A 353 12.71 11.41 10.44
C GLY A 353 13.76 11.47 9.35
N THR A 354 13.47 12.18 8.27
CA THR A 354 14.38 12.27 7.14
C THR A 354 15.74 12.95 7.45
N VAL A 355 16.73 12.60 6.64
CA VAL A 355 18.09 13.09 6.69
C VAL A 355 18.33 14.14 5.61
N ARG A 356 17.29 14.86 5.20
CA ARG A 356 17.40 15.94 4.22
C ARG A 356 16.76 17.20 4.82
N GLY A 357 17.30 18.36 4.44
CA GLY A 357 16.87 19.64 4.99
C GLY A 357 15.49 20.04 4.57
N ASN A 358 14.87 20.95 5.36
CA ASN A 358 13.56 21.52 5.13
C ASN A 358 13.71 22.41 3.91
N PRO A 359 12.98 22.14 2.80
CA PRO A 359 13.19 22.93 1.58
C PRO A 359 12.85 24.40 1.69
N ASN A 360 11.95 24.76 2.62
CA ASN A 360 11.56 26.14 2.84
C ASN A 360 12.66 26.84 3.64
N THR A 361 13.73 27.31 2.97
CA THR A 361 14.82 27.99 3.67
C THR A 361 14.46 29.45 4.06
N GLU A 362 13.49 30.07 3.36
CA GLU A 362 13.04 31.42 3.65
C GLU A 362 12.16 31.52 4.91
N SER A 363 12.17 30.51 5.77
CA SER A 363 11.38 30.52 7.00
C SER A 363 11.94 29.55 8.04
N ALA A 364 12.35 28.33 7.60
CA ALA A 364 12.86 27.31 8.51
C ALA A 364 13.99 27.79 9.38
N ALA A 365 14.03 27.26 10.60
CA ALA A 365 15.08 27.58 11.54
C ALA A 365 16.33 26.84 11.07
N ALA A 366 17.48 27.51 11.03
CA ALA A 366 18.73 26.88 10.63
C ALA A 366 19.55 26.46 11.85
N LEU A 367 20.44 25.50 11.65
CA LEU A 367 21.32 25.03 12.70
C LEU A 367 22.64 24.81 12.00
N VAL A 368 23.56 25.74 12.15
CA VAL A 368 24.86 25.69 11.50
C VAL A 368 25.83 24.90 12.37
N ILE A 369 26.33 23.78 11.84
CA ILE A 369 27.28 22.89 12.54
C ILE A 369 28.58 22.73 11.71
N TYR A 370 29.64 22.18 12.32
CA TYR A 370 30.91 21.94 11.63
C TYR A 370 31.32 20.51 11.92
N LEU A 371 31.53 19.72 10.89
CA LEU A 371 31.98 18.35 11.05
C LEU A 371 33.49 18.42 10.90
N PRO A 372 34.23 18.22 12.01
CA PRO A 372 35.69 18.35 11.94
C PRO A 372 36.41 17.37 11.03
N GLU A 373 37.54 17.82 10.47
CA GLU A 373 38.35 17.00 9.59
C GLU A 373 39.19 16.07 10.43
N VAL A 374 38.79 14.81 10.47
CA VAL A 374 39.42 13.75 11.25
C VAL A 374 40.78 13.30 10.69
N ALA A 375 41.09 13.63 9.43
CA ALA A 375 42.32 13.20 8.77
C ALA A 375 42.78 14.20 7.69
N PRO A 376 44.05 14.12 7.25
CA PRO A 376 44.48 15.05 6.18
C PRO A 376 44.09 14.56 4.77
N HIS A 377 43.34 13.45 4.67
CA HIS A 377 42.89 12.85 3.39
C HIS A 377 41.41 12.43 3.48
N PRO A 378 40.70 12.25 2.34
CA PRO A 378 39.28 11.84 2.42
C PRO A 378 39.15 10.43 2.98
N VAL A 379 38.33 10.29 4.03
CA VAL A 379 38.15 8.99 4.66
C VAL A 379 36.86 8.35 4.21
N TYR A 380 36.96 7.25 3.48
CA TYR A 380 35.82 6.53 2.96
C TYR A 380 35.48 5.33 3.81
N PHE A 381 34.24 4.81 3.69
CA PHE A 381 33.86 3.62 4.42
C PHE A 381 34.51 2.40 3.77
N PRO A 382 35.12 1.51 4.57
CA PRO A 382 35.76 0.32 4.00
C PRO A 382 34.89 -0.51 3.08
N ALA A 383 35.48 -1.05 1.99
CA ALA A 383 34.79 -1.88 1.01
C ALA A 383 34.39 -3.23 1.63
N LEU A 384 33.43 -3.94 1.00
CA LEU A 384 32.96 -5.24 1.48
C LEU A 384 34.08 -6.26 1.66
N GLU A 385 35.06 -6.29 0.72
CA GLU A 385 36.23 -7.20 0.79
C GLU A 385 37.03 -6.95 2.07
N LYS A 386 37.25 -5.68 2.43
CA LYS A 386 37.98 -5.30 3.64
C LYS A 386 37.19 -5.71 4.90
N ILE A 387 35.85 -5.63 4.85
CA ILE A 387 34.96 -5.97 5.96
C ILE A 387 34.88 -7.49 6.17
N LEU A 388 34.70 -8.24 5.08
CA LEU A 388 34.62 -9.70 5.09
C LEU A 388 35.94 -10.33 5.52
N GLU A 389 37.08 -9.71 5.16
CA GLU A 389 38.37 -10.24 5.56
C GLU A 389 38.59 -10.12 7.06
N LEU A 390 38.08 -9.04 7.68
CA LEU A 390 38.18 -8.85 9.12
C LEU A 390 37.19 -9.74 9.88
N GLY A 391 35.99 -9.92 9.32
CA GLY A 391 34.92 -10.73 9.88
C GLY A 391 35.08 -12.22 9.72
N ARG A 392 35.94 -12.63 8.79
CA ARG A 392 36.32 -14.01 8.51
C ARG A 392 37.17 -14.60 9.65
N HIS A 393 37.77 -13.76 10.52
CA HIS A 393 38.62 -14.23 11.59
C HIS A 393 38.02 -14.06 12.97
N GLY A 394 36.97 -14.84 13.22
CA GLY A 394 36.31 -14.91 14.51
C GLY A 394 36.47 -16.29 15.13
N GLU A 395 35.63 -16.63 16.10
CA GLU A 395 35.69 -17.94 16.75
C GLU A 395 34.30 -18.58 16.87
N ARG A 396 34.17 -19.83 16.41
CA ARG A 396 32.89 -20.54 16.49
C ARG A 396 32.66 -21.01 17.92
N GLY A 397 31.44 -20.82 18.41
CA GLY A 397 31.06 -21.18 19.77
C GLY A 397 30.63 -22.62 19.97
N ARG A 398 31.57 -23.48 20.38
CA ARG A 398 31.28 -24.88 20.65
C ARG A 398 30.70 -24.95 22.06
N ILE A 399 29.48 -25.49 22.20
CA ILE A 399 28.83 -25.55 23.51
C ILE A 399 28.00 -26.84 23.70
N THR A 400 27.68 -27.16 24.95
CA THR A 400 26.91 -28.35 25.32
C THR A 400 25.40 -28.25 24.96
N GLU A 401 24.66 -29.37 25.09
CA GLU A 401 23.23 -29.43 24.82
C GLU A 401 22.39 -28.59 25.80
N GLU A 402 22.96 -28.18 26.95
CA GLU A 402 22.26 -27.36 27.94
C GLU A 402 22.07 -25.94 27.39
N GLU A 403 23.13 -25.36 26.82
CA GLU A 403 23.06 -24.04 26.19
C GLU A 403 22.39 -24.12 24.81
N GLN A 404 22.45 -25.30 24.15
CA GLN A 404 21.80 -25.60 22.88
C GLN A 404 20.27 -25.66 23.09
N LEU A 405 19.81 -26.13 24.26
CA LEU A 405 18.40 -26.21 24.64
C LEU A 405 17.80 -24.82 24.82
N GLN A 406 18.60 -23.87 25.32
CA GLN A 406 18.14 -22.51 25.51
C GLN A 406 18.04 -21.82 24.15
N LEU A 407 19.04 -22.02 23.26
CA LEU A 407 19.04 -21.45 21.91
C LEU A 407 17.87 -21.98 21.08
N ARG A 408 17.61 -23.29 21.14
CA ARG A 408 16.48 -23.90 20.41
C ARG A 408 15.11 -23.42 20.94
N GLU A 409 15.07 -22.87 22.17
CA GLU A 409 13.82 -22.37 22.77
C GLU A 409 13.62 -20.86 22.53
N ILE A 410 14.63 -20.03 22.86
CA ILE A 410 14.51 -18.59 22.74
C ILE A 410 14.59 -18.10 21.28
N LEU A 411 14.98 -18.96 20.32
CA LEU A 411 14.96 -18.57 18.91
C LEU A 411 13.59 -18.87 18.28
N GLU A 412 12.85 -19.87 18.82
CA GLU A 412 11.52 -20.23 18.32
C GLU A 412 10.45 -19.38 19.00
N ARG A 413 10.53 -19.22 20.34
CA ARG A 413 9.58 -18.44 21.13
C ARG A 413 9.41 -17.02 20.61
N GLY A 417 9.11 -10.56 20.30
CA GLY A 417 9.41 -10.86 21.69
C GLY A 417 10.76 -10.33 22.15
N GLU A 418 10.78 -9.56 23.25
CA GLU A 418 11.99 -8.98 23.82
C GLU A 418 12.95 -10.03 24.46
N LEU A 419 14.21 -9.64 24.71
CA LEU A 419 15.22 -10.53 25.32
C LEU A 419 15.83 -9.96 26.60
N TYR A 420 16.39 -10.84 27.45
CA TYR A 420 17.12 -10.47 28.66
C TYR A 420 18.60 -10.24 28.30
N GLU A 421 19.37 -9.56 29.17
CA GLU A 421 20.77 -9.28 28.87
C GLU A 421 21.63 -10.53 28.72
N HIS A 422 21.41 -11.58 29.54
CA HIS A 422 22.19 -12.81 29.42
C HIS A 422 21.79 -13.62 28.17
N GLU A 423 20.51 -13.52 27.75
CA GLU A 423 20.02 -14.20 26.56
C GLU A 423 20.67 -13.63 25.29
N LYS A 424 20.95 -12.32 25.27
CA LYS A 424 21.60 -11.70 24.12
C LYS A 424 23.05 -12.19 23.99
N ASP A 425 23.74 -12.40 25.12
CA ASP A 425 25.10 -12.93 25.15
C ASP A 425 25.14 -14.36 24.57
N LEU A 426 24.06 -15.14 24.73
CA LEU A 426 23.97 -16.51 24.21
C LEU A 426 23.58 -16.55 22.73
N VAL A 427 22.81 -15.55 22.26
CA VAL A 427 22.43 -15.49 20.84
C VAL A 427 23.63 -15.09 20.00
N TRP A 428 24.44 -14.13 20.48
CA TRP A 428 25.62 -13.69 19.75
C TRP A 428 26.73 -14.73 19.76
N LYS A 429 26.88 -15.44 20.89
CA LYS A 429 27.91 -16.47 21.02
C LYS A 429 27.65 -17.60 20.01
N MET A 430 26.40 -17.99 19.86
CA MET A 430 25.98 -19.07 18.96
C MET A 430 25.61 -18.61 17.55
N ARG A 431 26.09 -17.43 17.12
CA ARG A 431 25.76 -16.85 15.81
C ARG A 431 25.95 -17.79 14.61
N HIS A 432 26.98 -18.68 14.63
CA HIS A 432 27.25 -19.64 13.56
C HIS A 432 26.23 -20.77 13.51
N GLU A 433 25.73 -21.16 14.69
CA GLU A 433 24.71 -22.19 14.78
C GLU A 433 23.34 -21.63 14.39
N VAL A 434 23.12 -20.30 14.61
CA VAL A 434 21.93 -19.55 14.24
C VAL A 434 21.83 -19.58 12.71
N GLN A 435 22.94 -19.26 12.01
CA GLN A 435 23.01 -19.31 10.57
C GLN A 435 22.69 -20.68 9.99
N GLU A 436 23.28 -21.75 10.56
CA GLU A 436 23.09 -23.10 10.06
C GLU A 436 21.79 -23.86 10.48
N HIS A 437 21.31 -23.67 11.71
CA HIS A 437 20.14 -24.42 12.18
C HIS A 437 18.84 -23.60 12.25
N PHE A 438 18.95 -22.29 12.44
CA PHE A 438 17.77 -21.43 12.51
C PHE A 438 17.99 -20.24 11.58
N PRO A 439 18.05 -20.45 10.25
CA PRO A 439 18.32 -19.31 9.35
C PRO A 439 17.23 -18.22 9.34
N GLU A 440 16.01 -18.55 9.76
CA GLU A 440 14.94 -17.55 9.83
C GLU A 440 14.97 -16.72 11.14
N ALA A 441 16.00 -16.94 12.01
CA ALA A 441 16.19 -16.16 13.23
C ALA A 441 17.22 -15.01 13.05
N LEU A 442 17.59 -14.70 11.80
CA LEU A 442 18.48 -13.62 11.39
C LEU A 442 18.06 -12.29 12.01
N ALA A 443 16.76 -11.99 12.03
CA ALA A 443 16.27 -10.75 12.62
C ALA A 443 16.56 -10.63 14.13
N ARG A 444 16.63 -11.76 14.87
CA ARG A 444 16.97 -11.71 16.30
C ARG A 444 18.46 -11.41 16.48
N LEU A 445 19.30 -12.06 15.65
CA LEU A 445 20.75 -11.92 15.62
C LEU A 445 21.16 -10.51 15.25
N LEU A 446 20.51 -9.92 14.22
CA LEU A 446 20.82 -8.54 13.83
C LEU A 446 20.49 -7.57 14.96
N LEU A 447 19.45 -7.86 15.76
CA LEU A 447 19.09 -7.03 16.89
C LEU A 447 20.06 -7.23 18.10
N VAL A 448 20.68 -8.42 18.26
CA VAL A 448 21.68 -8.60 19.31
C VAL A 448 23.08 -8.12 18.87
N THR A 449 23.28 -7.81 17.57
CA THR A 449 24.59 -7.34 17.09
C THR A 449 24.87 -5.93 17.60
N LYS A 450 26.08 -5.70 18.11
CA LYS A 450 26.54 -4.41 18.61
C LYS A 450 26.90 -3.57 17.40
N TRP A 451 26.01 -2.71 16.92
CA TRP A 451 26.29 -1.89 15.73
C TRP A 451 27.34 -0.80 16.02
N ASN A 452 27.53 -0.43 17.30
CA ASN A 452 28.53 0.55 17.70
C ASN A 452 29.96 -0.03 17.83
N LYS A 453 30.18 -1.27 17.38
CA LYS A 453 31.47 -1.96 17.42
C LYS A 453 31.76 -2.50 16.03
N HIS A 454 32.63 -1.84 15.25
CA HIS A 454 32.99 -2.24 13.89
C HIS A 454 33.49 -3.69 13.74
N GLU A 455 34.12 -4.29 14.77
CA GLU A 455 34.56 -5.67 14.67
C GLU A 455 33.35 -6.63 14.76
N ASP A 456 32.34 -6.28 15.60
CA ASP A 456 31.11 -7.08 15.73
C ASP A 456 30.24 -6.95 14.47
N VAL A 457 30.29 -5.80 13.77
CA VAL A 457 29.55 -5.59 12.53
C VAL A 457 30.18 -6.43 11.40
N ALA A 458 31.52 -6.59 11.41
CA ALA A 458 32.22 -7.41 10.42
C ALA A 458 31.89 -8.90 10.66
N GLN A 459 31.74 -9.32 11.92
CA GLN A 459 31.39 -10.71 12.24
C GLN A 459 29.99 -11.01 11.74
N MET A 460 29.05 -10.06 11.92
CA MET A 460 27.68 -10.23 11.43
C MET A 460 27.65 -10.27 9.89
N LEU A 461 28.24 -9.25 9.22
CA LEU A 461 28.25 -9.17 7.76
C LEU A 461 28.88 -10.36 7.07
N TYR A 462 29.81 -11.07 7.75
CA TYR A 462 30.43 -12.27 7.21
C TYR A 462 29.42 -13.41 7.17
N LEU A 463 28.58 -13.52 8.20
CA LEU A 463 27.53 -14.54 8.24
C LEU A 463 26.42 -14.19 7.26
N LEU A 464 26.08 -12.90 7.16
CA LEU A 464 25.05 -12.44 6.24
C LEU A 464 25.39 -12.76 4.80
N CYS A 465 26.64 -12.55 4.41
CA CYS A 465 27.08 -12.80 3.03
C CYS A 465 27.10 -14.28 2.65
N SER A 466 26.96 -15.20 3.61
CA SER A 466 26.84 -16.64 3.30
C SER A 466 25.40 -17.18 3.68
N TRP A 467 24.58 -16.32 4.32
CA TRP A 467 23.22 -16.60 4.79
C TRP A 467 22.33 -16.96 3.64
N PRO A 468 21.58 -18.08 3.77
CA PRO A 468 20.68 -18.46 2.67
C PRO A 468 19.48 -17.51 2.52
N GLU A 469 18.92 -17.46 1.30
CA GLU A 469 17.78 -16.60 0.96
C GLU A 469 16.57 -16.95 1.81
N LEU A 470 15.98 -15.94 2.43
CA LEU A 470 14.86 -16.14 3.35
C LEU A 470 13.46 -16.12 2.66
N PRO A 471 12.42 -16.72 3.28
CA PRO A 471 11.07 -16.64 2.69
C PRO A 471 10.49 -15.23 2.80
N VAL A 472 9.65 -14.79 1.86
CA VAL A 472 9.09 -13.43 1.83
C VAL A 472 8.69 -12.86 3.22
N LEU A 473 8.02 -13.66 4.09
CA LEU A 473 7.61 -13.19 5.41
C LEU A 473 8.81 -12.68 6.25
N SER A 474 9.93 -13.38 6.17
CA SER A 474 11.16 -13.00 6.87
C SER A 474 11.77 -11.73 6.25
N ALA A 475 11.81 -11.66 4.91
CA ALA A 475 12.34 -10.49 4.18
C ALA A 475 11.53 -9.23 4.50
N LEU A 476 10.21 -9.35 4.64
CA LEU A 476 9.33 -8.20 4.95
C LEU A 476 9.66 -7.61 6.31
N GLU A 477 10.10 -8.45 7.23
CA GLU A 477 10.48 -8.01 8.56
C GLU A 477 11.77 -7.22 8.49
N LEU A 478 12.75 -7.68 7.68
CA LEU A 478 14.04 -7.01 7.53
C LEU A 478 13.99 -5.65 6.90
N LEU A 479 12.94 -5.34 6.12
CA LEU A 479 12.78 -4.01 5.53
C LEU A 479 12.46 -2.93 6.59
N ASP A 480 12.06 -3.34 7.81
CA ASP A 480 11.71 -2.44 8.89
C ASP A 480 12.91 -1.53 9.24
N PHE A 481 12.63 -0.32 9.73
CA PHE A 481 13.63 0.68 10.07
C PHE A 481 14.60 0.20 11.20
N SER A 482 14.19 -0.75 12.03
CA SER A 482 15.05 -1.33 13.04
C SER A 482 16.15 -2.21 12.46
N PHE A 483 16.37 -2.19 11.12
CA PHE A 483 17.43 -2.93 10.42
C PHE A 483 17.94 -2.01 9.32
N PRO A 484 18.66 -0.93 9.69
CA PRO A 484 19.06 0.04 8.67
C PRO A 484 20.32 -0.26 7.86
N ASP A 485 21.06 -1.33 8.15
CA ASP A 485 22.27 -1.61 7.39
C ASP A 485 21.99 -1.83 5.89
N CYS A 486 22.75 -1.16 5.02
CA CYS A 486 22.58 -1.26 3.57
C CYS A 486 22.73 -2.69 3.04
N TYR A 487 23.62 -3.49 3.63
CA TYR A 487 23.81 -4.90 3.25
C TYR A 487 22.65 -5.80 3.70
N VAL A 488 22.03 -5.44 4.83
CA VAL A 488 20.86 -6.13 5.35
C VAL A 488 19.63 -5.81 4.49
N GLY A 489 19.54 -4.58 3.99
CA GLY A 489 18.47 -4.16 3.10
C GLY A 489 18.60 -4.84 1.76
N SER A 490 19.83 -4.94 1.24
CA SER A 490 20.17 -5.60 -0.02
C SER A 490 19.86 -7.11 0.06
N PHE A 491 20.17 -7.76 1.21
CA PHE A 491 19.85 -9.18 1.39
C PHE A 491 18.32 -9.35 1.46
N ALA A 492 17.62 -8.42 2.11
CA ALA A 492 16.15 -8.50 2.21
C ALA A 492 15.54 -8.37 0.82
N ILE A 493 16.06 -7.45 -0.04
CA ILE A 493 15.57 -7.26 -1.43
C ILE A 493 15.80 -8.50 -2.25
N LYS A 494 16.97 -9.14 -2.05
CA LYS A 494 17.38 -10.37 -2.71
C LYS A 494 16.36 -11.48 -2.42
N SER A 495 15.84 -11.53 -1.18
CA SER A 495 14.84 -12.52 -0.81
C SER A 495 13.39 -12.12 -1.20
N LEU A 496 13.17 -10.89 -1.64
CA LEU A 496 11.86 -10.42 -2.13
C LEU A 496 11.75 -10.61 -3.63
N ARG A 497 12.87 -10.80 -4.38
CA ARG A 497 12.83 -10.98 -5.82
C ARG A 497 11.96 -12.13 -6.28
N LYS A 498 11.74 -13.12 -5.43
CA LYS A 498 10.92 -14.26 -5.75
C LYS A 498 9.42 -13.97 -5.64
N LEU A 499 9.03 -12.77 -5.11
CA LEU A 499 7.67 -12.27 -5.00
C LEU A 499 7.08 -12.24 -6.38
N THR A 500 5.89 -12.79 -6.51
CA THR A 500 5.19 -12.79 -7.77
C THR A 500 4.64 -11.39 -7.96
N ASP A 501 4.24 -11.04 -9.19
CA ASP A 501 3.60 -9.74 -9.42
C ASP A 501 2.37 -9.52 -8.55
N ASP A 502 1.67 -10.61 -8.22
CA ASP A 502 0.48 -10.58 -7.38
C ASP A 502 0.78 -10.35 -5.91
N GLU A 503 1.85 -10.97 -5.34
CA GLU A 503 2.21 -10.68 -3.95
C GLU A 503 2.78 -9.27 -3.86
N LEU A 504 3.64 -8.91 -4.83
CA LEU A 504 4.20 -7.56 -4.91
C LEU A 504 3.11 -6.49 -4.91
N PHE A 505 2.06 -6.70 -5.72
CA PHE A 505 0.95 -5.75 -5.79
C PHE A 505 0.18 -5.65 -4.43
N GLN A 506 0.10 -6.75 -3.67
CA GLN A 506 -0.55 -6.84 -2.36
C GLN A 506 0.23 -6.02 -1.28
N TYR A 507 1.56 -5.99 -1.34
CA TYR A 507 2.38 -5.25 -0.37
C TYR A 507 3.03 -3.99 -0.96
N LEU A 508 2.60 -3.52 -2.15
CA LEU A 508 3.14 -2.34 -2.80
C LEU A 508 3.02 -1.08 -1.95
N LEU A 509 1.88 -0.90 -1.29
CA LEU A 509 1.65 0.24 -0.39
C LEU A 509 2.71 0.28 0.73
N GLN A 510 3.08 -0.89 1.32
CA GLN A 510 4.06 -0.90 2.41
C GLN A 510 5.44 -0.60 1.90
N LEU A 511 5.81 -1.17 0.76
CA LEU A 511 7.12 -0.92 0.18
C LEU A 511 7.31 0.55 -0.20
N VAL A 512 6.24 1.24 -0.61
CA VAL A 512 6.32 2.66 -0.93
C VAL A 512 6.62 3.48 0.34
N GLN A 513 6.07 3.08 1.50
CA GLN A 513 6.31 3.76 2.78
C GLN A 513 7.74 3.56 3.25
N VAL A 514 8.31 2.36 2.99
CA VAL A 514 9.70 2.00 3.31
C VAL A 514 10.69 2.98 2.62
N LEU A 515 10.37 3.49 1.39
CA LEU A 515 11.21 4.50 0.70
C LEU A 515 11.44 5.74 1.58
N LYS A 516 10.47 6.11 2.42
CA LYS A 516 10.57 7.25 3.35
C LYS A 516 11.64 7.05 4.43
N TYR A 517 11.88 5.81 4.84
CA TYR A 517 12.90 5.40 5.80
C TYR A 517 14.30 5.44 5.20
N GLU A 518 14.42 5.36 3.86
CA GLU A 518 15.71 5.31 3.16
C GLU A 518 16.58 6.54 3.39
N SER A 519 17.88 6.33 3.52
CA SER A 519 18.86 7.39 3.81
C SER A 519 19.43 8.04 2.55
N TYR A 520 19.44 7.31 1.42
CA TYR A 520 19.98 7.85 0.17
C TYR A 520 18.96 7.75 -0.97
N LEU A 521 19.17 8.48 -2.05
CA LEU A 521 18.23 8.47 -3.17
C LEU A 521 18.32 7.17 -3.96
N ASP A 522 19.54 6.80 -4.34
CA ASP A 522 19.79 5.61 -5.14
C ASP A 522 19.91 4.40 -4.23
N CYS A 523 18.84 3.64 -4.09
CA CYS A 523 18.82 2.47 -3.24
C CYS A 523 18.33 1.24 -3.97
N GLU A 524 18.61 0.04 -3.42
CA GLU A 524 18.20 -1.21 -4.04
C GLU A 524 16.66 -1.29 -4.12
N LEU A 525 15.94 -0.80 -3.11
CA LEU A 525 14.49 -0.83 -3.12
C LEU A 525 13.89 0.07 -4.25
N THR A 526 14.50 1.25 -4.51
CA THR A 526 14.03 2.12 -5.56
C THR A 526 14.21 1.44 -6.92
N LYS A 527 15.36 0.79 -7.13
CA LYS A 527 15.66 0.07 -8.37
C LYS A 527 14.77 -1.20 -8.54
N PHE A 528 14.48 -1.90 -7.43
CA PHE A 528 13.60 -3.07 -7.40
C PHE A 528 12.18 -2.67 -7.81
N LEU A 529 11.61 -1.64 -7.15
CA LEU A 529 10.28 -1.11 -7.43
C LEU A 529 10.16 -0.56 -8.82
N LEU A 530 11.21 0.16 -9.30
CA LEU A 530 11.17 0.75 -10.62
C LEU A 530 11.22 -0.33 -11.69
N GLY A 531 12.08 -1.34 -11.50
CA GLY A 531 12.21 -2.45 -12.44
C GLY A 531 10.94 -3.29 -12.56
N ARG A 532 10.23 -3.50 -11.44
CA ARG A 532 8.99 -4.26 -11.45
C ARG A 532 7.85 -3.45 -12.06
N ALA A 533 7.83 -2.12 -11.82
CA ALA A 533 6.86 -1.20 -12.39
C ALA A 533 7.03 -1.10 -13.91
N LEU A 534 8.26 -1.05 -14.41
CA LEU A 534 8.51 -0.98 -15.87
C LEU A 534 8.15 -2.31 -16.58
N ALA A 535 8.12 -3.43 -15.84
CA ALA A 535 7.78 -4.77 -16.36
C ALA A 535 6.29 -5.12 -16.23
N ASN A 536 5.49 -4.30 -15.55
CA ASN A 536 4.07 -4.62 -15.34
C ASN A 536 3.38 -3.28 -15.22
N ARG A 537 2.55 -2.94 -16.21
CA ARG A 537 1.81 -1.67 -16.32
C ARG A 537 0.87 -1.39 -15.13
N LYS A 538 0.37 -2.45 -14.44
CA LYS A 538 -0.48 -2.30 -13.28
C LYS A 538 0.33 -1.95 -12.05
N ILE A 539 1.52 -2.55 -11.87
CA ILE A 539 2.41 -2.16 -10.75
C ILE A 539 2.82 -0.66 -10.98
N GLY A 540 3.23 -0.36 -12.20
CA GLY A 540 3.60 1.00 -12.61
C GLY A 540 2.52 2.03 -12.35
N HIS A 541 1.28 1.71 -12.74
CA HIS A 541 0.09 2.52 -12.47
C HIS A 541 0.00 2.94 -10.97
N PHE A 542 -0.05 1.99 -10.04
CA PHE A 542 -0.21 2.18 -8.60
C PHE A 542 1.03 2.73 -7.91
N LEU A 543 2.21 2.41 -8.43
CA LEU A 543 3.46 3.00 -7.91
C LEU A 543 3.43 4.50 -8.23
N PHE A 544 2.95 4.89 -9.42
CA PHE A 544 2.84 6.28 -9.80
C PHE A 544 1.90 7.01 -8.87
N TRP A 545 0.70 6.45 -8.62
CA TRP A 545 -0.30 7.10 -7.82
C TRP A 545 0.05 7.15 -6.35
N HIS A 546 0.73 6.14 -5.81
CA HIS A 546 1.15 6.18 -4.41
C HIS A 546 2.18 7.36 -4.22
N LEU A 547 3.15 7.52 -5.16
CA LEU A 547 4.11 8.62 -5.10
C LEU A 547 3.46 9.97 -5.40
N ARG A 548 2.56 10.01 -6.40
CA ARG A 548 1.94 11.24 -6.81
C ARG A 548 1.08 11.81 -5.71
N SER A 549 0.37 10.95 -4.98
CA SER A 549 -0.49 11.42 -3.89
C SER A 549 0.32 12.11 -2.77
N GLU A 550 1.63 11.89 -2.69
CA GLU A 550 2.44 12.48 -1.62
C GLU A 550 3.33 13.64 -2.03
N MET A 551 3.07 14.25 -3.19
CA MET A 551 3.90 15.35 -3.67
C MET A 551 3.76 16.65 -2.86
N HIS A 552 2.64 16.80 -2.15
CA HIS A 552 2.40 17.97 -1.32
C HIS A 552 3.18 17.93 0.01
N VAL A 553 3.80 16.77 0.36
CA VAL A 553 4.56 16.58 1.59
C VAL A 553 5.97 16.97 1.22
N PRO A 554 6.48 18.07 1.78
CA PRO A 554 7.79 18.57 1.35
C PRO A 554 9.00 17.72 1.71
N SER A 555 8.84 16.67 2.54
CA SER A 555 9.95 15.79 2.89
C SER A 555 10.14 14.64 1.88
N VAL A 556 9.05 14.23 1.21
CA VAL A 556 9.13 13.17 0.20
C VAL A 556 9.07 13.72 -1.24
N ALA A 557 8.60 14.95 -1.44
CA ALA A 557 8.49 15.54 -2.77
C ALA A 557 9.74 15.37 -3.70
N LEU A 558 10.96 15.48 -3.15
CA LEU A 558 12.16 15.34 -3.97
C LEU A 558 12.33 13.92 -4.47
N ARG A 559 12.45 12.96 -3.54
CA ARG A 559 12.60 11.55 -3.89
C ARG A 559 11.44 11.03 -4.75
N PHE A 560 10.19 11.27 -4.33
CA PHE A 560 9.04 10.79 -5.08
C PHE A 560 8.98 11.38 -6.49
N GLY A 561 9.24 12.67 -6.65
CA GLY A 561 9.25 13.31 -7.96
C GLY A 561 10.37 12.82 -8.87
N LEU A 562 11.49 12.39 -8.29
CA LEU A 562 12.65 11.89 -9.02
C LEU A 562 12.39 10.47 -9.54
N ILE A 563 11.77 9.59 -8.71
CA ILE A 563 11.36 8.25 -9.12
C ILE A 563 10.24 8.31 -10.23
N MET A 564 9.29 9.25 -10.09
CA MET A 564 8.22 9.44 -11.05
C MET A 564 8.77 9.87 -12.41
N GLU A 565 9.84 10.70 -12.41
CA GLU A 565 10.50 11.18 -13.64
C GLU A 565 11.22 9.99 -14.31
N ALA A 566 11.92 9.15 -13.51
CA ALA A 566 12.64 7.97 -13.97
C ALA A 566 11.63 7.02 -14.61
N TYR A 567 10.49 6.74 -13.95
CA TYR A 567 9.44 5.89 -14.52
C TYR A 567 8.93 6.45 -15.85
N CYS A 568 8.71 7.78 -15.89
CA CYS A 568 8.21 8.48 -17.08
C CYS A 568 9.13 8.32 -18.27
N ARG A 569 10.46 8.23 -18.05
CA ARG A 569 11.43 7.97 -19.12
C ARG A 569 11.26 6.53 -19.66
N GLY A 570 10.96 5.60 -18.77
CA GLY A 570 10.72 4.21 -19.08
C GLY A 570 9.48 3.99 -19.90
N SER A 571 8.47 4.90 -19.81
CA SER A 571 7.23 4.76 -20.58
C SER A 571 6.52 6.08 -20.89
N THR A 572 6.87 6.63 -22.04
CA THR A 572 6.33 7.83 -22.65
C THR A 572 4.80 7.67 -22.84
N HIS A 573 4.37 6.55 -23.43
CA HIS A 573 2.95 6.26 -23.63
C HIS A 573 2.17 6.27 -22.31
N HIS A 574 2.60 5.47 -21.30
CA HIS A 574 1.91 5.41 -20.02
C HIS A 574 1.76 6.76 -19.31
N MET A 575 2.75 7.63 -19.44
CA MET A 575 2.76 8.99 -18.89
C MET A 575 1.62 9.82 -19.53
N LYS A 576 1.37 9.62 -20.82
CA LYS A 576 0.27 10.33 -21.50
C LYS A 576 -1.12 9.84 -21.02
N VAL A 577 -1.22 8.56 -20.67
CA VAL A 577 -2.42 7.96 -20.10
C VAL A 577 -2.62 8.48 -18.66
N LEU A 578 -1.52 8.63 -17.89
CA LEU A 578 -1.56 9.17 -16.53
C LEU A 578 -1.89 10.67 -16.52
N MET A 579 -1.46 11.39 -17.57
CA MET A 579 -1.75 12.81 -17.75
C MET A 579 -3.21 12.98 -17.99
N LYS A 580 -3.81 12.13 -18.85
CA LYS A 580 -5.24 12.11 -19.12
C LYS A 580 -6.01 11.91 -17.79
N GLN A 581 -5.53 11.01 -16.88
CA GLN A 581 -6.11 10.82 -15.55
C GLN A 581 -6.01 12.06 -14.62
N GLY A 582 -4.83 12.68 -14.57
CA GLY A 582 -4.63 13.88 -13.78
C GLY A 582 -5.43 15.08 -14.29
N GLU A 583 -5.73 15.09 -15.59
CA GLU A 583 -6.53 16.14 -16.25
C GLU A 583 -7.97 16.06 -15.78
N ALA A 584 -8.51 14.82 -15.66
CA ALA A 584 -9.87 14.58 -15.19
C ALA A 584 -9.99 14.91 -13.73
N LEU A 585 -8.96 14.60 -12.93
CA LEU A 585 -8.94 14.92 -11.50
C LEU A 585 -8.87 16.42 -11.27
N SER A 586 -8.24 17.16 -12.20
CA SER A 586 -8.13 18.61 -12.15
C SER A 586 -9.52 19.22 -12.31
N LYS A 587 -10.31 18.72 -13.28
CA LYS A 587 -11.68 19.18 -13.51
C LYS A 587 -12.64 18.71 -12.41
N LEU A 588 -12.38 17.54 -11.80
CA LEU A 588 -13.19 17.06 -10.69
C LEU A 588 -12.99 17.98 -9.48
N LYS A 589 -11.78 18.52 -9.28
CA LYS A 589 -11.45 19.43 -8.19
C LYS A 589 -12.22 20.73 -8.36
N ALA A 590 -12.13 21.34 -9.56
CA ALA A 590 -12.86 22.56 -9.89
C ALA A 590 -14.36 22.34 -9.79
N LEU A 591 -14.84 21.16 -10.22
CA LEU A 591 -16.26 20.83 -10.18
C LEU A 591 -16.76 20.66 -8.76
N ASN A 592 -15.95 20.08 -7.86
CA ASN A 592 -16.31 19.89 -6.45
C ASN A 592 -16.38 21.25 -5.75
N ASP A 593 -15.38 22.14 -5.99
CA ASP A 593 -15.32 23.52 -5.45
C ASP A 593 -16.58 24.32 -5.81
N PHE A 594 -16.98 24.30 -7.09
CA PHE A 594 -18.17 24.99 -7.57
C PHE A 594 -19.42 24.48 -6.85
N VAL A 595 -19.47 23.17 -6.55
CA VAL A 595 -20.57 22.53 -5.83
C VAL A 595 -20.56 22.92 -4.32
N LYS A 596 -19.39 23.03 -3.70
CA LYS A 596 -19.29 23.42 -2.30
C LYS A 596 -19.85 24.83 -2.08
N VAL A 597 -19.41 25.78 -2.90
CA VAL A 597 -19.87 27.16 -2.87
C VAL A 597 -21.38 27.24 -3.23
N SER A 598 -21.78 26.64 -4.38
CA SER A 598 -23.17 26.69 -4.84
C SER A 598 -24.18 26.05 -3.88
N SER A 599 -23.88 24.86 -3.34
CA SER A 599 -24.81 24.14 -2.47
C SER A 599 -25.18 24.87 -1.19
N GLN A 600 -24.30 25.74 -0.67
CA GLN A 600 -24.60 26.45 0.58
C GLN A 600 -25.55 27.65 0.41
N LYS A 601 -25.90 28.00 -0.82
CA LYS A 601 -26.76 29.12 -1.09
C LYS A 601 -28.08 28.62 -1.71
N THR A 602 -28.01 27.86 -2.81
CA THR A 602 -29.20 27.35 -3.48
C THR A 602 -29.56 25.92 -2.97
N THR A 603 -30.67 25.32 -3.48
CA THR A 603 -31.10 23.99 -3.04
C THR A 603 -30.38 22.86 -3.80
N LYS A 604 -30.49 21.61 -3.28
CA LYS A 604 -29.91 20.41 -3.86
C LYS A 604 -30.29 20.19 -5.33
N PRO A 605 -31.56 20.34 -5.76
CA PRO A 605 -31.87 20.10 -7.18
C PRO A 605 -31.27 21.15 -8.10
N GLN A 606 -31.11 22.39 -7.61
CA GLN A 606 -30.59 23.45 -8.45
C GLN A 606 -29.08 23.39 -8.55
N THR A 607 -28.39 22.97 -7.47
CA THR A 607 -26.93 22.80 -7.44
C THR A 607 -26.52 21.61 -8.32
N LYS A 608 -27.33 20.54 -8.33
CA LYS A 608 -27.12 19.35 -9.14
C LYS A 608 -27.28 19.71 -10.64
N GLU A 609 -28.20 20.64 -10.97
CA GLU A 609 -28.34 21.09 -12.36
C GLU A 609 -27.20 22.05 -12.73
N MET A 610 -26.71 22.86 -11.78
CA MET A 610 -25.54 23.72 -11.99
C MET A 610 -24.31 22.86 -12.30
N MET A 611 -24.19 21.70 -11.60
CA MET A 611 -23.11 20.74 -11.74
C MET A 611 -23.18 20.11 -13.13
N HIS A 612 -24.38 19.71 -13.56
CA HIS A 612 -24.59 19.14 -14.89
C HIS A 612 -24.34 20.14 -16.03
N MET A 613 -24.51 21.44 -15.76
CA MET A 613 -24.22 22.47 -16.75
C MET A 613 -22.72 22.64 -16.86
N CYS A 614 -22.01 22.68 -15.72
CA CYS A 614 -20.56 22.80 -15.70
C CYS A 614 -19.94 21.58 -16.38
N MET A 615 -20.46 20.38 -16.10
CA MET A 615 -19.99 19.12 -16.70
C MET A 615 -20.23 19.09 -18.22
N ARG A 616 -21.33 19.73 -18.69
CA ARG A 616 -21.65 19.70 -20.11
C ARG A 616 -20.82 20.65 -20.98
N GLN A 617 -19.85 21.37 -20.39
CA GLN A 617 -18.95 22.20 -21.17
C GLN A 617 -17.97 21.26 -21.89
N GLU A 618 -17.58 21.62 -23.13
CA GLU A 618 -16.67 20.81 -23.95
C GLU A 618 -15.36 20.46 -23.23
N THR A 619 -14.86 21.35 -22.35
CA THR A 619 -13.64 21.13 -21.57
C THR A 619 -13.81 20.00 -20.58
N TYR A 620 -14.96 19.96 -19.91
CA TYR A 620 -15.26 18.91 -18.97
C TYR A 620 -15.59 17.63 -19.69
N MET A 621 -16.26 17.67 -20.86
CA MET A 621 -16.59 16.45 -21.58
C MET A 621 -15.34 15.80 -22.17
N GLU A 622 -14.37 16.60 -22.61
CA GLU A 622 -13.11 16.06 -23.11
C GLU A 622 -12.29 15.46 -21.95
N ALA A 623 -12.23 16.18 -20.82
CA ALA A 623 -11.38 15.76 -19.72
C ALA A 623 -11.93 14.60 -18.92
N LEU A 624 -13.25 14.56 -18.75
CA LEU A 624 -13.89 13.53 -17.93
C LEU A 624 -14.20 12.23 -18.65
N SER A 625 -14.07 12.14 -19.96
CA SER A 625 -14.41 10.91 -20.69
C SER A 625 -13.18 10.20 -21.27
N HIS A 626 -13.33 8.93 -21.64
CA HIS A 626 -12.35 8.09 -22.32
C HIS A 626 -11.01 8.06 -21.62
N LEU A 627 -11.01 7.52 -20.40
CA LEU A 627 -9.78 7.41 -19.63
C LEU A 627 -9.72 6.07 -18.87
N GLN A 628 -8.51 5.63 -18.53
CA GLN A 628 -8.36 4.48 -17.65
C GLN A 628 -8.71 4.97 -16.25
N SER A 629 -9.31 4.10 -15.45
CA SER A 629 -9.64 4.50 -14.09
C SER A 629 -8.39 4.49 -13.22
N PRO A 630 -8.09 5.60 -12.50
CA PRO A 630 -6.97 5.55 -11.54
C PRO A 630 -7.22 4.46 -10.47
N LEU A 631 -8.48 4.08 -10.20
CA LEU A 631 -8.83 3.03 -9.24
C LEU A 631 -8.55 1.61 -9.75
N ASP A 632 -8.52 1.44 -11.07
CA ASP A 632 -8.31 0.17 -11.70
C ASP A 632 -7.96 0.41 -13.17
N PRO A 633 -6.67 0.25 -13.55
CA PRO A 633 -6.30 0.42 -14.98
C PRO A 633 -7.10 -0.46 -15.95
N SER A 634 -7.63 -1.59 -15.48
CA SER A 634 -8.44 -2.54 -16.26
C SER A 634 -9.76 -1.98 -16.69
N THR A 635 -10.30 -1.09 -15.86
CA THR A 635 -11.57 -0.45 -16.03
C THR A 635 -11.40 0.83 -16.88
N LEU A 636 -12.16 0.87 -17.98
CA LEU A 636 -12.17 2.02 -18.86
C LEU A 636 -13.42 2.87 -18.51
N LEU A 637 -13.21 4.16 -18.21
CA LEU A 637 -14.30 5.10 -17.90
C LEU A 637 -14.59 5.82 -19.21
N GLU A 638 -15.58 5.35 -19.97
CA GLU A 638 -15.78 5.85 -21.33
C GLU A 638 -16.67 7.10 -21.43
N GLU A 639 -17.99 6.94 -21.41
CA GLU A 639 -18.88 8.07 -21.57
C GLU A 639 -19.47 8.47 -20.25
N VAL A 640 -19.25 9.73 -19.83
CA VAL A 640 -19.81 10.26 -18.59
C VAL A 640 -21.30 10.37 -18.78
N CYS A 641 -22.09 9.73 -17.89
CA CYS A 641 -23.55 9.82 -17.91
C CYS A 641 -23.91 10.93 -16.96
N VAL A 642 -23.77 12.19 -17.44
CA VAL A 642 -24.03 13.47 -16.75
C VAL A 642 -25.36 13.40 -15.99
N GLU A 643 -26.37 12.82 -16.61
CA GLU A 643 -27.69 12.62 -16.02
C GLU A 643 -27.67 11.95 -14.64
N GLN A 644 -26.85 10.90 -14.49
CA GLN A 644 -26.80 10.16 -13.24
C GLN A 644 -25.77 10.69 -12.24
N CYS A 645 -24.96 11.70 -12.62
CA CYS A 645 -23.97 12.24 -11.69
C CYS A 645 -24.69 13.07 -10.63
N THR A 646 -24.10 13.12 -9.42
CA THR A 646 -24.71 13.84 -8.29
C THR A 646 -23.60 14.13 -7.24
N PHE A 647 -23.96 14.46 -6.00
CA PHE A 647 -23.04 14.73 -4.92
C PHE A 647 -23.75 14.42 -3.61
N MET A 648 -22.98 14.21 -2.53
CA MET A 648 -23.57 13.91 -1.23
C MET A 648 -23.74 15.16 -0.37
N ASP A 649 -24.64 15.06 0.64
CA ASP A 649 -25.03 16.11 1.55
C ASP A 649 -24.09 16.36 2.73
N SER A 650 -22.92 15.70 2.76
CA SER A 650 -21.96 15.90 3.85
C SER A 650 -21.13 17.19 3.62
N LYS A 651 -20.39 17.62 4.65
CA LYS A 651 -19.58 18.84 4.63
C LYS A 651 -18.65 19.00 3.42
N MET A 652 -18.08 17.90 2.92
CA MET A 652 -17.17 17.98 1.78
C MET A 652 -17.85 17.80 0.42
N LYS A 653 -19.18 17.55 0.41
CA LYS A 653 -19.97 17.43 -0.82
C LYS A 653 -19.33 16.50 -1.88
N PRO A 654 -18.96 15.23 -1.55
CA PRO A 654 -18.31 14.37 -2.53
C PRO A 654 -19.14 14.13 -3.78
N LEU A 655 -18.50 14.16 -4.94
CA LEU A 655 -19.13 13.94 -6.24
C LEU A 655 -19.26 12.47 -6.64
N TRP A 656 -20.41 12.10 -7.19
CA TRP A 656 -20.66 10.74 -7.68
C TRP A 656 -20.73 10.83 -9.17
N ILE A 657 -19.67 10.36 -9.86
CA ILE A 657 -19.56 10.43 -11.32
C ILE A 657 -19.88 9.09 -11.92
N MET A 658 -20.86 9.05 -12.82
CA MET A 658 -21.29 7.84 -13.45
C MET A 658 -20.80 7.75 -14.89
N TYR A 659 -20.46 6.54 -15.32
CA TYR A 659 -19.93 6.25 -16.64
C TYR A 659 -20.64 5.08 -17.27
N SER A 660 -20.64 5.00 -18.61
CA SER A 660 -21.18 3.85 -19.34
C SER A 660 -20.30 3.51 -20.57
N SER A 661 -20.49 2.32 -21.15
CA SER A 661 -19.72 1.87 -22.31
C SER A 661 -20.58 1.03 -23.25
N GLU A 662 -20.65 1.40 -24.54
CA GLU A 662 -21.39 0.60 -25.52
C GLU A 662 -20.67 -0.74 -25.72
N GLU A 663 -19.33 -0.70 -25.79
CA GLU A 663 -18.52 -1.90 -25.97
C GLU A 663 -18.56 -2.83 -24.76
N ALA A 664 -18.33 -2.30 -23.56
CA ALA A 664 -18.31 -3.13 -22.35
C ALA A 664 -19.68 -3.66 -21.91
N GLY A 665 -20.77 -3.01 -22.35
CA GLY A 665 -22.11 -3.43 -21.99
C GLY A 665 -22.43 -3.16 -20.53
N SER A 666 -22.99 -4.15 -19.81
CA SER A 666 -23.33 -3.98 -18.39
C SER A 666 -22.11 -3.72 -17.52
N ALA A 667 -20.98 -4.30 -17.88
CA ALA A 667 -19.71 -4.12 -17.19
C ALA A 667 -19.18 -2.69 -17.28
N GLY A 668 -19.57 -1.96 -18.34
CA GLY A 668 -19.11 -0.61 -18.57
C GLY A 668 -19.81 0.44 -17.73
N ASN A 669 -20.93 0.09 -17.09
CA ASN A 669 -21.65 1.05 -16.28
C ASN A 669 -21.03 1.05 -14.93
N VAL A 670 -20.13 2.01 -14.70
CA VAL A 670 -19.33 2.12 -13.49
C VAL A 670 -19.41 3.50 -12.88
N GLY A 671 -19.13 3.60 -11.59
CA GLY A 671 -19.13 4.88 -10.91
C GLY A 671 -17.86 5.16 -10.14
N ILE A 672 -17.50 6.42 -9.98
CA ILE A 672 -16.36 6.82 -9.15
C ILE A 672 -16.87 7.89 -8.17
N ILE A 673 -16.22 8.01 -7.02
CA ILE A 673 -16.55 9.06 -6.06
C ILE A 673 -15.30 9.96 -5.94
N PHE A 674 -15.44 11.27 -6.21
CA PHE A 674 -14.33 12.20 -6.05
C PHE A 674 -14.51 12.83 -4.69
N LYS A 675 -13.49 12.71 -3.83
CA LYS A 675 -13.55 13.27 -2.48
C LYS A 675 -12.43 14.31 -2.31
N ASN A 676 -12.78 15.52 -1.93
CA ASN A 676 -11.84 16.59 -1.69
C ASN A 676 -12.17 17.24 -0.35
N GLY A 677 -11.21 17.28 0.54
CA GLY A 677 -11.39 17.83 1.87
C GLY A 677 -11.02 16.82 2.93
N ASP A 678 -11.41 15.55 2.73
CA ASP A 678 -11.07 14.49 3.66
C ASP A 678 -9.84 13.69 3.20
N ASP A 679 -9.16 13.06 4.17
CA ASP A 679 -7.97 12.28 3.95
C ASP A 679 -8.39 10.81 3.73
N LEU A 680 -7.97 10.20 2.59
CA LEU A 680 -8.34 8.80 2.33
C LEU A 680 -7.29 7.75 2.67
N ARG A 681 -6.11 8.13 3.20
CA ARG A 681 -5.02 7.17 3.48
C ARG A 681 -5.39 6.02 4.40
N GLN A 682 -6.17 6.26 5.46
CA GLN A 682 -6.54 5.18 6.38
C GLN A 682 -7.56 4.24 5.80
N ASP A 683 -8.47 4.76 4.97
CA ASP A 683 -9.46 3.94 4.29
C ASP A 683 -8.76 2.99 3.36
N MET A 684 -7.83 3.48 2.52
CA MET A 684 -7.09 2.65 1.59
C MET A 684 -6.39 1.50 2.31
N LEU A 685 -5.70 1.78 3.42
CA LEU A 685 -5.00 0.76 4.16
C LEU A 685 -5.98 -0.25 4.74
N THR A 686 -7.07 0.20 5.34
CA THR A 686 -8.07 -0.70 5.94
C THR A 686 -8.68 -1.64 4.91
N LEU A 687 -9.04 -1.09 3.76
CA LEU A 687 -9.59 -1.84 2.67
C LEU A 687 -8.61 -2.85 2.10
N GLN A 688 -7.31 -2.51 2.08
CA GLN A 688 -6.23 -3.36 1.63
C GLN A 688 -6.02 -4.52 2.58
N MET A 689 -6.14 -4.28 3.88
CA MET A 689 -6.06 -5.34 4.87
C MET A 689 -7.26 -6.30 4.80
N ILE A 690 -8.45 -5.79 4.55
CA ILE A 690 -9.66 -6.60 4.36
C ILE A 690 -9.50 -7.48 3.11
N GLN A 691 -8.95 -6.90 2.03
CA GLN A 691 -8.67 -7.58 0.78
C GLN A 691 -7.70 -8.75 1.04
N LEU A 692 -6.65 -8.49 1.83
CA LEU A 692 -5.65 -9.45 2.23
C LEU A 692 -6.35 -10.63 2.97
N MET A 693 -7.26 -10.32 3.89
CA MET A 693 -8.06 -11.33 4.62
C MET A 693 -8.83 -12.18 3.66
N ASP A 694 -9.47 -11.58 2.68
CA ASP A 694 -10.26 -12.29 1.68
C ASP A 694 -9.40 -13.22 0.86
N VAL A 695 -8.16 -12.79 0.48
CA VAL A 695 -7.21 -13.64 -0.23
C VAL A 695 -6.84 -14.84 0.64
N LEU A 696 -6.44 -14.61 1.89
CA LEU A 696 -6.07 -15.65 2.83
C LEU A 696 -7.20 -16.64 3.06
N TRP A 697 -8.43 -16.14 3.20
CA TRP A 697 -9.58 -17.00 3.44
C TRP A 697 -9.85 -17.80 2.16
N LYS A 698 -9.79 -17.15 0.97
CA LYS A 698 -9.98 -17.84 -0.31
C LYS A 698 -8.97 -18.95 -0.61
N GLN A 699 -7.73 -18.78 -0.16
CA GLN A 699 -6.69 -19.77 -0.31
C GLN A 699 -6.94 -20.99 0.57
N GLU A 700 -7.75 -20.89 1.63
CA GLU A 700 -8.08 -22.07 2.45
C GLU A 700 -9.49 -22.57 2.10
N GLY A 701 -9.99 -22.25 0.90
CA GLY A 701 -11.32 -22.63 0.44
C GLY A 701 -12.49 -21.92 1.09
N LEU A 702 -12.25 -20.83 1.83
CA LEU A 702 -13.33 -20.07 2.45
C LEU A 702 -13.69 -18.74 1.70
N ASP A 703 -14.82 -18.67 0.98
CA ASP A 703 -15.23 -17.41 0.32
C ASP A 703 -16.34 -16.72 1.14
N LEU A 704 -15.98 -15.73 1.95
CA LEU A 704 -16.92 -14.99 2.75
C LEU A 704 -17.62 -13.85 1.99
N ARG A 705 -17.53 -13.83 0.65
CA ARG A 705 -18.27 -12.86 -0.19
C ARG A 705 -18.02 -11.38 0.24
N MET A 706 -16.74 -10.99 0.26
CA MET A 706 -16.33 -9.68 0.70
C MET A 706 -16.45 -8.64 -0.39
N THR A 707 -16.39 -7.34 -0.04
CA THR A 707 -16.46 -6.27 -1.05
C THR A 707 -15.36 -5.25 -0.79
N PRO A 708 -14.13 -5.61 -1.19
CA PRO A 708 -13.02 -4.66 -1.05
C PRO A 708 -13.01 -3.74 -2.26
N TYR A 709 -13.90 -2.74 -2.29
CA TYR A 709 -13.94 -1.74 -3.35
C TYR A 709 -12.61 -0.91 -3.32
N GLY A 710 -12.25 -0.32 -4.45
CA GLY A 710 -11.07 0.53 -4.54
C GLY A 710 -11.17 1.86 -3.80
N CYS A 711 -10.06 2.32 -3.29
CA CYS A 711 -9.96 3.61 -2.63
C CYS A 711 -8.58 4.15 -2.98
N LEU A 712 -8.49 5.25 -3.70
CA LEU A 712 -7.21 5.79 -4.12
C LEU A 712 -6.99 7.25 -3.82
N PRO A 713 -6.20 7.57 -2.76
CA PRO A 713 -5.74 8.96 -2.57
C PRO A 713 -4.88 9.36 -3.79
N THR A 714 -5.11 10.55 -4.34
CA THR A 714 -4.44 11.00 -5.55
C THR A 714 -3.73 12.38 -5.39
N GLY A 715 -3.93 13.04 -4.26
CA GLY A 715 -3.33 14.33 -3.98
C GLY A 715 -3.60 14.78 -2.56
N ASP A 716 -3.41 16.07 -2.28
CA ASP A 716 -3.60 16.67 -0.97
C ASP A 716 -5.06 16.61 -0.56
N ARG A 717 -5.41 15.71 0.41
CA ARG A 717 -6.79 15.52 0.89
C ARG A 717 -7.76 15.32 -0.28
N THR A 718 -7.35 14.53 -1.28
CA THR A 718 -8.07 14.30 -2.52
C THR A 718 -7.90 12.83 -2.95
N GLY A 719 -8.97 12.23 -3.44
CA GLY A 719 -8.92 10.85 -3.89
C GLY A 719 -10.22 10.30 -4.43
N LEU A 720 -10.14 9.08 -4.96
CA LEU A 720 -11.30 8.43 -5.54
C LEU A 720 -11.68 7.20 -4.78
N ILE A 721 -12.94 6.85 -4.82
CA ILE A 721 -13.45 5.63 -4.22
C ILE A 721 -14.26 4.97 -5.30
N GLU A 722 -14.20 3.64 -5.40
CA GLU A 722 -14.99 2.92 -6.40
C GLU A 722 -16.41 2.76 -5.92
N VAL A 723 -17.37 3.07 -6.78
CA VAL A 723 -18.77 2.94 -6.42
C VAL A 723 -19.20 1.47 -6.57
N VAL A 724 -19.96 0.98 -5.57
CA VAL A 724 -20.52 -0.34 -5.62
C VAL A 724 -22.00 -0.15 -5.96
N LEU A 725 -22.31 -0.40 -7.23
CA LEU A 725 -23.64 -0.22 -7.75
C LEU A 725 -24.60 -1.22 -7.17
N HIS A 726 -25.91 -0.88 -7.18
CA HIS A 726 -26.96 -1.72 -6.66
C HIS A 726 -26.73 -2.02 -5.17
N SER A 727 -26.45 -0.97 -4.42
CA SER A 727 -26.22 -1.08 -2.99
C SER A 727 -26.77 0.11 -2.27
N ASP A 728 -27.22 -0.11 -1.05
CA ASP A 728 -27.76 0.96 -0.25
C ASP A 728 -27.27 0.82 1.17
N THR A 729 -27.33 1.91 1.94
CA THR A 729 -26.90 1.86 3.33
C THR A 729 -28.03 1.22 4.15
N ILE A 730 -27.68 0.63 5.30
CA ILE A 730 -28.65 0.06 6.22
C ILE A 730 -29.57 1.14 6.75
N ALA A 731 -29.06 2.36 6.97
CA ALA A 731 -29.89 3.47 7.45
C ALA A 731 -30.97 3.81 6.46
N ASN A 732 -30.67 3.86 5.15
CA ASN A 732 -31.68 4.14 4.12
C ASN A 732 -32.73 3.06 4.01
N ILE A 733 -32.32 1.81 4.19
CA ILE A 733 -33.25 0.69 4.14
C ILE A 733 -34.13 0.68 5.41
N GLN A 734 -33.56 1.08 6.55
CA GLN A 734 -34.32 1.13 7.79
C GLN A 734 -35.14 2.41 7.94
N LEU A 735 -35.12 3.34 6.96
CA LEU A 735 -35.99 4.53 7.04
C LEU A 735 -37.50 4.14 6.91
N ASN A 736 -37.78 2.93 6.32
CA ASN A 736 -39.10 2.33 6.16
C ASN A 736 -40.10 3.21 5.41
N LYS A 737 -39.70 3.70 4.22
CA LYS A 737 -40.55 4.57 3.42
C LYS A 737 -41.85 3.88 3.01
N SER A 738 -42.95 4.62 3.02
CA SER A 738 -44.23 4.07 2.61
C SER A 738 -44.27 3.96 1.08
N ASN A 739 -45.08 3.01 0.57
CA ASN A 739 -45.28 2.77 -0.86
C ASN A 739 -44.00 2.28 -1.53
N MET A 740 -43.37 1.31 -0.88
CA MET A 740 -42.17 0.64 -1.36
C MET A 740 -42.44 -0.87 -1.30
N ALA A 741 -41.78 -1.64 -2.17
CA ALA A 741 -41.96 -3.09 -2.16
C ALA A 741 -41.50 -3.72 -0.82
N ALA A 742 -40.87 -2.93 0.10
CA ALA A 742 -40.33 -3.43 1.36
C ALA A 742 -40.95 -2.82 2.67
N THR A 743 -42.02 -2.00 2.60
CA THR A 743 -42.58 -1.37 3.81
C THR A 743 -42.98 -2.40 4.88
N ALA A 744 -42.27 -2.34 6.01
CA ALA A 744 -42.40 -3.27 7.11
C ALA A 744 -43.46 -2.92 8.20
N ALA A 745 -43.91 -3.97 8.90
CA ALA A 745 -44.82 -3.98 10.05
C ALA A 745 -43.98 -3.72 11.34
N PHE A 746 -42.74 -4.25 11.35
CA PHE A 746 -41.75 -4.11 12.41
C PHE A 746 -40.49 -3.68 11.70
N ASN A 747 -39.80 -2.66 12.22
CA ASN A 747 -38.55 -2.18 11.63
C ASN A 747 -37.51 -3.29 11.47
N LYS A 748 -37.55 -4.32 12.34
CA LYS A 748 -36.62 -5.44 12.22
C LYS A 748 -36.77 -6.21 10.93
N ASP A 749 -37.96 -6.16 10.29
CA ASP A 749 -38.25 -6.85 9.03
C ASP A 749 -37.76 -6.08 7.81
N ALA A 750 -37.58 -4.74 7.89
CA ALA A 750 -37.24 -3.93 6.72
C ALA A 750 -36.07 -4.47 5.90
N LEU A 751 -34.95 -4.81 6.54
CA LEU A 751 -33.77 -5.30 5.84
C LEU A 751 -34.07 -6.61 5.11
N LEU A 752 -34.87 -7.49 5.72
CA LEU A 752 -35.25 -8.77 5.13
C LEU A 752 -36.28 -8.57 4.01
N ASN A 753 -37.22 -7.61 4.18
CA ASN A 753 -38.20 -7.32 3.13
C ASN A 753 -37.51 -6.76 1.91
N TRP A 754 -36.49 -5.91 2.12
CA TRP A 754 -35.73 -5.33 1.04
C TRP A 754 -35.06 -6.42 0.19
N LEU A 755 -34.53 -7.47 0.85
CA LEU A 755 -33.91 -8.60 0.19
C LEU A 755 -34.91 -9.41 -0.61
N LYS A 756 -36.15 -9.54 -0.10
CA LYS A 756 -37.24 -10.27 -0.73
C LYS A 756 -37.67 -9.57 -2.03
N SER A 757 -37.68 -8.22 -2.05
CA SER A 757 -38.03 -7.51 -3.27
C SER A 757 -36.97 -7.72 -4.36
N LYS A 758 -35.69 -7.61 -4.00
CA LYS A 758 -34.56 -7.76 -4.91
C LYS A 758 -34.29 -9.21 -5.30
N ASN A 759 -34.72 -10.17 -4.49
CA ASN A 759 -34.42 -11.59 -4.72
C ASN A 759 -35.66 -12.44 -4.58
N PRO A 760 -36.46 -12.53 -5.66
CA PRO A 760 -37.73 -13.28 -5.57
C PRO A 760 -37.62 -14.80 -5.60
N GLY A 761 -38.52 -15.45 -4.85
CA GLY A 761 -38.60 -16.90 -4.72
C GLY A 761 -37.33 -17.55 -4.21
N GLU A 762 -36.82 -18.53 -4.97
CA GLU A 762 -35.60 -19.28 -4.64
C GLU A 762 -34.33 -18.43 -4.59
N ALA A 763 -34.38 -17.19 -5.12
CA ALA A 763 -33.21 -16.32 -5.06
C ALA A 763 -32.95 -15.87 -3.61
N LEU A 764 -34.01 -15.77 -2.76
CA LEU A 764 -33.91 -15.35 -1.36
C LEU A 764 -33.00 -16.24 -0.55
N ASP A 765 -33.05 -17.56 -0.76
CA ASP A 765 -32.15 -18.50 -0.08
C ASP A 765 -30.67 -18.15 -0.32
N ARG A 766 -30.29 -17.85 -1.57
CA ARG A 766 -28.91 -17.49 -1.87
C ARG A 766 -28.55 -16.12 -1.32
N ALA A 767 -29.51 -15.17 -1.37
CA ALA A 767 -29.34 -13.83 -0.84
C ALA A 767 -29.09 -13.86 0.68
N ILE A 768 -29.81 -14.72 1.43
CA ILE A 768 -29.60 -14.84 2.87
C ILE A 768 -28.23 -15.45 3.18
N GLU A 769 -27.79 -16.41 2.37
CA GLU A 769 -26.48 -17.01 2.49
C GLU A 769 -25.31 -16.02 2.14
N GLU A 770 -25.46 -15.17 1.08
CA GLU A 770 -24.45 -14.16 0.74
C GLU A 770 -24.32 -13.16 1.89
N PHE A 771 -25.44 -12.84 2.55
CA PHE A 771 -25.49 -11.92 3.67
C PHE A 771 -24.75 -12.48 4.87
N THR A 772 -25.03 -13.73 5.18
CA THR A 772 -24.50 -14.44 6.33
C THR A 772 -23.01 -14.58 6.21
N LEU A 773 -22.52 -15.02 5.03
CA LEU A 773 -21.09 -15.20 4.81
C LEU A 773 -20.34 -13.89 4.97
N SER A 774 -20.87 -12.80 4.36
CA SER A 774 -20.28 -11.46 4.41
C SER A 774 -20.32 -10.83 5.82
N CYS A 775 -21.37 -11.14 6.55
CA CYS A 775 -21.52 -10.74 7.94
C CYS A 775 -20.39 -11.30 8.82
N ALA A 776 -20.13 -12.60 8.71
CA ALA A 776 -19.07 -13.29 9.40
C ALA A 776 -17.71 -12.69 9.01
N GLY A 777 -17.53 -12.36 7.73
CA GLY A 777 -16.29 -11.75 7.27
C GLY A 777 -16.06 -10.38 7.87
N TYR A 778 -17.07 -9.48 7.82
CA TYR A 778 -16.92 -8.13 8.37
C TYR A 778 -16.91 -8.09 9.89
N CYS A 779 -17.58 -9.02 10.57
CA CYS A 779 -17.57 -9.09 12.03
C CYS A 779 -16.15 -9.36 12.51
N VAL A 780 -15.47 -10.35 11.88
CA VAL A 780 -14.09 -10.74 12.16
C VAL A 780 -13.12 -9.63 11.74
N ALA A 781 -13.29 -9.07 10.53
CA ALA A 781 -12.43 -8.00 10.03
C ALA A 781 -12.47 -6.76 10.94
N THR A 782 -13.66 -6.31 11.34
CA THR A 782 -13.80 -5.14 12.21
C THR A 782 -13.27 -5.42 13.60
N TYR A 783 -13.41 -6.65 14.11
CA TYR A 783 -12.89 -7.01 15.41
C TYR A 783 -11.36 -7.09 15.41
N VAL A 784 -10.76 -7.86 14.49
CA VAL A 784 -9.30 -7.95 14.32
C VAL A 784 -8.69 -6.52 14.13
N LEU A 785 -9.23 -5.74 13.19
CA LEU A 785 -8.72 -4.39 12.92
C LEU A 785 -9.11 -3.28 13.90
N GLY A 786 -10.07 -3.49 14.80
CA GLY A 786 -10.47 -2.47 15.77
C GLY A 786 -11.27 -1.31 15.20
N ILE A 787 -12.05 -1.60 14.15
CA ILE A 787 -12.85 -0.57 13.50
C ILE A 787 -14.00 -0.26 14.41
N GLY A 788 -14.18 1.01 14.70
CA GLY A 788 -15.27 1.50 15.51
C GLY A 788 -16.06 2.55 14.74
N ASP A 789 -16.96 3.25 15.47
CA ASP A 789 -17.85 4.26 14.87
C ASP A 789 -18.76 3.56 13.84
N ARG A 790 -19.25 2.35 14.19
CA ARG A 790 -20.09 1.56 13.31
C ARG A 790 -21.55 1.85 13.58
N HIS A 791 -22.22 2.35 12.57
CA HIS A 791 -23.64 2.67 12.65
C HIS A 791 -24.30 2.47 11.31
N SER A 792 -25.64 2.53 11.28
CA SER A 792 -26.46 2.30 10.10
C SER A 792 -26.03 3.02 8.82
N ASP A 793 -25.43 4.22 8.91
CA ASP A 793 -25.05 4.97 7.70
C ASP A 793 -23.59 4.62 7.15
N ASN A 794 -22.85 3.70 7.79
CA ASN A 794 -21.56 3.27 7.26
C ASN A 794 -21.46 1.73 7.08
N ILE A 795 -22.61 1.08 6.99
CA ILE A 795 -22.79 -0.31 6.67
C ILE A 795 -23.76 -0.31 5.48
N MET A 796 -23.32 -0.93 4.37
CA MET A 796 -24.12 -1.03 3.16
C MET A 796 -24.46 -2.47 2.82
N ILE A 797 -25.48 -2.68 2.03
CA ILE A 797 -25.85 -4.00 1.55
C ILE A 797 -26.13 -3.94 0.08
N ARG A 798 -25.64 -4.94 -0.63
CA ARG A 798 -25.84 -5.05 -2.05
C ARG A 798 -27.15 -5.77 -2.34
N GLU A 799 -27.72 -5.55 -3.53
CA GLU A 799 -28.96 -6.25 -3.90
C GLU A 799 -28.82 -7.78 -3.88
N SER A 800 -27.60 -8.30 -3.97
CA SER A 800 -27.35 -9.74 -3.92
C SER A 800 -27.44 -10.35 -2.49
N GLY A 801 -27.45 -9.48 -1.47
CA GLY A 801 -27.44 -9.88 -0.07
C GLY A 801 -26.14 -9.55 0.64
N GLN A 802 -25.07 -9.22 -0.10
CA GLN A 802 -23.76 -8.93 0.49
C GLN A 802 -23.69 -7.67 1.33
N LEU A 803 -23.26 -7.84 2.56
CA LEU A 803 -23.11 -6.75 3.51
C LEU A 803 -21.68 -6.27 3.44
N PHE A 804 -21.44 -4.96 3.64
CA PHE A 804 -20.06 -4.46 3.67
C PHE A 804 -19.96 -3.13 4.42
N HIS A 805 -18.75 -2.77 4.83
CA HIS A 805 -18.51 -1.54 5.56
C HIS A 805 -17.82 -0.45 4.74
N ILE A 806 -18.12 0.80 5.06
CA ILE A 806 -17.51 1.98 4.48
C ILE A 806 -17.05 2.92 5.63
N ASP A 807 -16.37 4.06 5.31
CA ASP A 807 -15.95 5.08 6.28
C ASP A 807 -14.97 4.58 7.35
N PHE A 808 -13.74 4.28 6.92
CA PHE A 808 -12.74 3.74 7.82
C PHE A 808 -11.75 4.75 8.46
N GLY A 809 -12.28 5.82 9.04
CA GLY A 809 -11.47 6.83 9.71
C GLY A 809 -10.90 6.41 11.06
N HIS A 810 -11.52 5.43 11.73
CA HIS A 810 -11.01 4.97 13.03
C HIS A 810 -10.71 3.48 13.05
N PHE A 811 -9.51 3.10 13.49
CA PHE A 811 -9.12 1.69 13.61
C PHE A 811 -8.12 1.47 14.76
N LEU A 812 -7.69 0.22 14.98
CA LEU A 812 -6.77 -0.16 16.06
C LEU A 812 -7.27 0.33 17.43
N GLY A 813 -8.58 0.27 17.61
CA GLY A 813 -9.25 0.70 18.83
C GLY A 813 -9.12 2.17 19.16
N ASN A 814 -8.37 2.96 18.33
CA ASN A 814 -8.14 4.40 18.52
C ASN A 814 -9.39 5.21 18.14
N ARG A 823 -8.67 5.88 22.69
CA ARG A 823 -8.21 4.50 22.42
C ARG A 823 -8.77 3.48 23.43
N GLU A 824 -9.89 2.83 23.07
CA GLU A 824 -10.56 1.82 23.90
C GLU A 824 -10.64 0.51 23.11
N ARG A 825 -10.44 -0.65 23.79
CA ARG A 825 -10.51 -1.94 23.11
C ARG A 825 -11.92 -2.18 22.55
N VAL A 826 -12.01 -2.27 21.23
CA VAL A 826 -13.28 -2.48 20.53
C VAL A 826 -13.80 -3.92 20.76
N PRO A 827 -15.01 -4.05 21.35
CA PRO A 827 -15.56 -5.40 21.55
C PRO A 827 -16.10 -6.01 20.25
N PHE A 828 -16.40 -7.32 20.26
CA PHE A 828 -16.97 -7.97 19.09
C PHE A 828 -18.41 -7.44 18.93
N ILE A 829 -18.79 -6.99 17.72
CA ILE A 829 -20.12 -6.45 17.48
C ILE A 829 -21.04 -7.50 16.82
N LEU A 830 -22.30 -7.59 17.31
CA LEU A 830 -23.33 -8.46 16.78
C LEU A 830 -24.66 -7.69 16.80
N THR A 831 -25.17 -7.31 15.63
CA THR A 831 -26.43 -6.56 15.55
C THR A 831 -27.65 -7.48 15.38
N TYR A 832 -28.68 -7.33 16.23
CA TYR A 832 -29.88 -8.17 16.12
C TYR A 832 -30.62 -7.99 14.79
N ASP A 833 -30.49 -6.82 14.16
CA ASP A 833 -31.09 -6.52 12.84
C ASP A 833 -30.48 -7.44 11.76
N PHE A 834 -29.20 -7.83 11.92
CA PHE A 834 -28.52 -8.73 10.99
C PHE A 834 -28.77 -10.19 11.40
N VAL A 835 -28.73 -10.46 12.72
CA VAL A 835 -29.05 -11.75 13.33
C VAL A 835 -30.47 -12.18 12.91
N HIS A 836 -31.39 -11.24 12.71
CA HIS A 836 -32.74 -11.53 12.25
C HIS A 836 -32.74 -12.04 10.80
N VAL A 837 -31.85 -11.51 9.96
CA VAL A 837 -31.65 -11.94 8.57
C VAL A 837 -30.96 -13.32 8.53
N ILE A 838 -29.88 -13.52 9.32
CA ILE A 838 -29.17 -14.80 9.43
C ILE A 838 -30.13 -15.91 9.85
N GLN A 839 -31.07 -15.60 10.75
CA GLN A 839 -32.07 -16.54 11.23
C GLN A 839 -33.31 -16.66 10.32
N GLN A 840 -33.27 -16.09 9.09
CA GLN A 840 -34.34 -16.13 8.07
C GLN A 840 -35.70 -15.59 8.54
N GLY A 841 -35.68 -14.60 9.43
CA GLY A 841 -36.90 -14.03 9.96
C GLY A 841 -37.43 -14.70 11.22
N LYS A 842 -36.97 -15.91 11.48
CA LYS A 842 -37.39 -16.67 12.65
C LYS A 842 -36.77 -16.15 13.95
N THR A 843 -37.50 -16.31 15.05
CA THR A 843 -37.10 -15.89 16.40
C THR A 843 -36.01 -16.79 16.96
N ASN A 844 -36.17 -18.10 16.74
CA ASN A 844 -35.23 -19.09 17.19
C ASN A 844 -34.81 -19.87 15.95
N ASN A 845 -33.52 -19.90 15.66
CA ASN A 845 -32.99 -20.61 14.51
C ASN A 845 -31.51 -20.88 14.76
N SER A 846 -31.24 -21.74 15.74
CA SER A 846 -29.88 -22.04 16.14
C SER A 846 -29.09 -22.84 15.10
N GLU A 847 -29.75 -23.46 14.12
CA GLU A 847 -29.07 -24.15 13.06
C GLU A 847 -28.37 -23.10 12.20
N LYS A 848 -29.11 -22.06 11.78
CA LYS A 848 -28.56 -21.01 10.95
C LYS A 848 -27.61 -20.11 11.73
N PHE A 849 -27.97 -19.73 12.96
CA PHE A 849 -27.10 -18.86 13.76
C PHE A 849 -25.78 -19.53 14.09
N GLU A 850 -25.79 -20.83 14.40
CA GLU A 850 -24.55 -21.53 14.76
C GLU A 850 -23.68 -21.81 13.54
N ARG A 851 -24.29 -21.96 12.34
CA ARG A 851 -23.56 -22.07 11.09
C ARG A 851 -22.73 -20.79 10.87
N PHE A 852 -23.26 -19.63 11.27
CA PHE A 852 -22.66 -18.31 11.24
C PHE A 852 -21.53 -18.19 12.28
N ARG A 853 -21.71 -18.67 13.48
CA ARG A 853 -20.67 -18.68 14.52
C ARG A 853 -19.42 -19.46 14.03
N GLY A 854 -19.66 -20.56 13.30
CA GLY A 854 -18.63 -21.38 12.70
C GLY A 854 -17.89 -20.66 11.60
N TYR A 855 -18.58 -19.83 10.80
CA TYR A 855 -17.95 -19.05 9.74
C TYR A 855 -17.02 -18.04 10.37
N CYS A 856 -17.44 -17.39 11.50
CA CYS A 856 -16.61 -16.47 12.29
C CYS A 856 -15.39 -17.17 12.84
N GLU A 857 -15.58 -18.31 13.50
CA GLU A 857 -14.50 -19.05 14.11
C GLU A 857 -13.50 -19.53 13.10
N ARG A 858 -13.98 -20.03 11.97
CA ARG A 858 -13.12 -20.55 10.93
C ARG A 858 -12.33 -19.40 10.26
N ALA A 859 -12.90 -18.19 10.12
CA ALA A 859 -12.24 -17.02 9.53
C ALA A 859 -11.24 -16.41 10.49
N TYR A 860 -11.57 -16.41 11.78
CA TYR A 860 -10.68 -15.89 12.78
C TYR A 860 -9.38 -16.74 12.89
N THR A 861 -9.50 -18.09 12.92
CA THR A 861 -8.34 -18.95 13.04
C THR A 861 -7.45 -18.98 11.79
N ILE A 862 -8.00 -18.63 10.62
CA ILE A 862 -7.19 -18.56 9.41
C ILE A 862 -6.33 -17.28 9.55
N LEU A 863 -6.91 -16.16 10.02
CA LEU A 863 -6.17 -14.92 10.20
C LEU A 863 -5.05 -15.06 11.20
N ARG A 864 -5.27 -15.77 12.32
CA ARG A 864 -4.22 -15.98 13.34
C ARG A 864 -3.03 -16.74 12.77
N ARG A 865 -3.28 -17.78 11.93
CA ARG A 865 -2.24 -18.55 11.27
C ARG A 865 -1.27 -17.62 10.49
N HIS A 866 -1.81 -16.49 9.93
CA HIS A 866 -1.06 -15.47 9.16
C HIS A 866 -0.86 -14.16 9.91
N GLY A 867 -0.93 -14.20 11.23
CA GLY A 867 -0.79 -13.05 12.11
C GLY A 867 0.52 -12.30 12.04
N LEU A 868 1.60 -12.98 11.69
CA LEU A 868 2.91 -12.33 11.58
C LEU A 868 2.99 -11.45 10.34
N LEU A 869 2.35 -11.90 9.23
CA LEU A 869 2.25 -11.15 7.99
C LEU A 869 1.54 -9.80 8.27
N PHE A 870 0.41 -9.79 9.01
CA PHE A 870 -0.29 -8.54 9.32
C PHE A 870 0.58 -7.64 10.19
N LEU A 871 1.23 -8.21 11.23
CA LEU A 871 2.13 -7.45 12.11
C LEU A 871 3.29 -6.79 11.36
N HIS A 872 3.95 -7.53 10.48
CA HIS A 872 5.04 -7.02 9.65
C HIS A 872 4.56 -5.94 8.69
N LEU A 873 3.35 -6.09 8.12
CA LEU A 873 2.80 -5.08 7.22
C LEU A 873 2.41 -3.83 7.96
N PHE A 874 1.76 -3.97 9.10
CA PHE A 874 1.40 -2.82 9.93
C PHE A 874 2.65 -2.10 10.48
N ALA A 875 3.74 -2.84 10.76
CA ALA A 875 4.98 -2.22 11.24
C ALA A 875 5.59 -1.34 10.15
N LEU A 876 5.62 -1.83 8.90
CA LEU A 876 6.14 -1.04 7.79
C LEU A 876 5.32 0.20 7.56
N MET A 877 4.00 0.10 7.79
CA MET A 877 3.03 1.18 7.65
C MET A 877 3.16 2.29 8.62
N ARG A 878 3.96 2.14 9.68
CA ARG A 878 4.18 3.24 10.63
C ARG A 878 4.77 4.47 9.91
N ALA A 879 5.61 4.23 8.86
CA ALA A 879 6.24 5.24 7.98
C ALA A 879 5.25 6.16 7.25
N ALA A 880 3.98 5.72 7.10
CA ALA A 880 2.94 6.54 6.47
C ALA A 880 2.56 7.79 7.28
N GLY A 881 2.91 7.81 8.56
CA GLY A 881 2.57 8.91 9.44
C GLY A 881 1.08 9.05 9.64
N LEU A 882 0.40 7.94 9.97
CA LEU A 882 -1.05 7.99 10.20
C LEU A 882 -1.27 8.27 11.67
N PRO A 883 -2.10 9.24 12.05
CA PRO A 883 -2.29 9.54 13.49
C PRO A 883 -2.71 8.34 14.34
N GLU A 884 -3.48 7.40 13.77
CA GLU A 884 -3.87 6.20 14.50
C GLU A 884 -2.94 4.99 14.24
N LEU A 885 -1.71 5.24 13.75
CA LEU A 885 -0.70 4.23 13.44
C LEU A 885 0.75 4.84 13.50
N SER A 886 1.37 4.87 14.70
CA SER A 886 2.71 5.46 14.86
C SER A 886 3.64 4.77 15.88
N CYS A 887 3.09 4.24 16.99
CA CYS A 887 3.91 3.62 18.03
C CYS A 887 3.55 2.14 18.26
N SER A 888 4.25 1.47 19.22
CA SER A 888 4.01 0.07 19.57
C SER A 888 2.60 -0.14 20.08
N LYS A 889 2.06 0.84 20.83
CA LYS A 889 0.74 0.82 21.44
C LYS A 889 -0.38 0.54 20.42
N ASP A 890 -0.30 1.12 19.21
CA ASP A 890 -1.31 0.92 18.17
C ASP A 890 -1.28 -0.52 17.64
N ILE A 891 -0.09 -1.05 17.37
CA ILE A 891 0.08 -2.40 16.84
C ILE A 891 -0.12 -3.49 17.96
N GLN A 892 -0.18 -3.07 19.24
CA GLN A 892 -0.50 -3.92 20.38
C GLN A 892 -1.95 -4.40 20.23
N TYR A 893 -2.84 -3.52 19.72
CA TYR A 893 -4.24 -3.85 19.45
C TYR A 893 -4.36 -5.14 18.59
N LEU A 894 -3.51 -5.29 17.55
CA LEU A 894 -3.51 -6.46 16.66
C LEU A 894 -3.05 -7.71 17.35
N LYS A 895 -2.00 -7.62 18.19
CA LYS A 895 -1.52 -8.78 18.94
C LYS A 895 -2.61 -9.27 19.89
N ASP A 896 -3.40 -8.34 20.46
CA ASP A 896 -4.51 -8.68 21.35
C ASP A 896 -5.65 -9.30 20.58
N SER A 897 -6.11 -8.66 19.48
CA SER A 897 -7.20 -9.18 18.66
C SER A 897 -6.89 -10.57 18.11
N LEU A 898 -5.66 -10.77 17.61
CA LEU A 898 -5.25 -12.06 17.08
C LEU A 898 -4.78 -13.05 18.14
N ALA A 899 -4.61 -12.61 19.43
CA ALA A 899 -4.17 -13.43 20.58
C ALA A 899 -2.97 -14.27 20.22
N LEU A 900 -2.01 -13.65 19.56
CA LEU A 900 -0.84 -14.34 19.03
C LEU A 900 0.06 -14.99 20.08
N GLY A 901 0.04 -14.49 21.31
CA GLY A 901 0.85 -15.07 22.38
C GLY A 901 0.32 -16.40 22.89
N LYS A 902 -1.00 -16.65 22.70
CA LYS A 902 -1.67 -17.86 23.15
C LYS A 902 -1.66 -18.98 22.09
N THR A 903 -2.15 -20.18 22.44
CA THR A 903 -2.23 -21.32 21.54
C THR A 903 -3.53 -21.25 20.71
N GLU A 904 -3.72 -22.14 19.72
CA GLU A 904 -4.96 -22.12 18.93
C GLU A 904 -6.20 -22.51 19.72
N GLU A 905 -6.03 -23.32 20.79
CA GLU A 905 -7.17 -23.68 21.63
C GLU A 905 -7.50 -22.54 22.58
N GLU A 906 -6.46 -21.91 23.16
CA GLU A 906 -6.68 -20.81 24.11
C GLU A 906 -7.20 -19.56 23.41
N ALA A 907 -6.69 -19.24 22.21
CA ALA A 907 -7.18 -18.09 21.45
C ALA A 907 -8.62 -18.32 20.97
N LEU A 908 -8.98 -19.56 20.65
CA LEU A 908 -10.33 -19.87 20.22
C LEU A 908 -11.30 -19.76 21.39
N LYS A 909 -10.87 -20.16 22.61
CA LYS A 909 -11.66 -20.06 23.84
C LYS A 909 -11.91 -18.58 24.16
N HIS A 910 -10.87 -17.75 24.01
CA HIS A 910 -10.94 -16.32 24.24
C HIS A 910 -11.85 -15.66 23.19
N PHE A 911 -11.78 -16.08 21.91
CA PHE A 911 -12.64 -15.54 20.85
C PHE A 911 -14.10 -15.94 21.06
N ARG A 912 -14.34 -17.16 21.58
CA ARG A 912 -15.69 -17.64 21.88
C ARG A 912 -16.31 -16.86 23.04
N VAL A 913 -15.50 -16.53 24.06
CA VAL A 913 -15.99 -15.74 25.20
C VAL A 913 -16.36 -14.33 24.71
N LYS A 914 -15.56 -13.76 23.78
CA LYS A 914 -15.79 -12.45 23.18
C LYS A 914 -17.01 -12.42 22.27
N PHE A 915 -17.24 -13.49 21.51
CA PHE A 915 -18.43 -13.62 20.63
C PHE A 915 -19.69 -13.80 21.51
N ASN A 916 -19.57 -14.54 22.62
CA ASN A 916 -20.66 -14.77 23.56
C ASN A 916 -21.01 -13.50 24.30
N GLU A 917 -20.01 -12.67 24.64
CA GLU A 917 -20.24 -11.37 25.30
C GLU A 917 -20.89 -10.33 24.35
N ALA A 918 -20.71 -10.52 23.03
CA ALA A 918 -21.33 -9.73 21.97
C ALA A 918 -22.79 -10.18 21.75
N LEU A 919 -23.07 -11.47 21.98
CA LEU A 919 -24.39 -12.04 21.82
C LEU A 919 -25.34 -11.56 22.92
N ARG A 920 -24.81 -11.43 24.15
CA ARG A 920 -25.53 -10.94 25.32
C ARG A 920 -25.90 -9.47 25.13
N GLU A 921 -25.02 -8.67 24.49
CA GLU A 921 -25.27 -7.26 24.18
C GLU A 921 -26.38 -7.15 23.12
N SER A 922 -26.38 -8.08 22.14
CA SER A 922 -27.41 -8.16 21.09
C SER A 922 -28.77 -8.53 21.69
N TRP A 923 -28.78 -9.36 22.74
CA TRP A 923 -30.01 -9.77 23.41
C TRP A 923 -30.67 -8.63 24.19
N LYS A 924 -29.97 -7.51 24.40
CA LYS A 924 -30.59 -6.32 25.00
C LYS A 924 -31.57 -5.65 23.98
N THR A 925 -31.40 -5.95 22.67
CA THR A 925 -32.26 -5.50 21.59
C THR A 925 -33.37 -6.54 21.35
N LYS A 926 -33.05 -7.85 21.48
CA LYS A 926 -34.03 -8.92 21.34
C LYS A 926 -35.01 -8.93 22.53
N VAL A 927 -34.56 -8.50 23.73
CA VAL A 927 -35.41 -8.38 24.93
C VAL A 927 -36.49 -7.30 24.68
N ASN A 928 -36.11 -6.21 23.99
CA ASN A 928 -37.02 -5.15 23.59
C ASN A 928 -37.98 -5.68 22.51
N1 7XW B . -18.51 8.52 0.75
C4 7XW B . -18.71 6.27 -0.22
C5 7XW B . -18.12 7.16 0.68
C6 7XW B . -21.22 8.12 0.95
C7 7XW B . -21.43 8.04 2.31
C8 7XW B . -22.42 7.20 2.79
C10 7XW B . -22.95 6.52 0.56
C13 7XW B . -20.24 3.99 -1.40
C15 7XW B . -18.86 1.77 -2.26
O2 7XW B . -20.05 9.19 -1.11
S 7XW B . -19.95 9.17 0.32
O1 7XW B . -19.99 10.41 1.05
C11 7XW B . -21.99 7.38 0.06
C9 7XW B . -23.16 6.43 1.92
C1 7XW B . -17.10 6.69 1.53
O 7XW B . -16.59 7.59 2.41
C 7XW B . -15.68 7.13 3.40
C3 7XW B . -18.26 4.96 -0.24
C2 7XW B . -17.23 4.61 0.62
N 7XW B . -16.66 5.44 1.49
C12 7XW B . -18.90 3.96 -1.13
C16 7XW B . -18.00 2.89 -1.72
O3 7XW B . -19.94 2.26 -3.06
C14 7XW B . -20.88 2.98 -2.28
#